data_9BVR
#
_entry.id   9BVR
#
_cell.length_a   1.00
_cell.length_b   1.00
_cell.length_c   1.00
_cell.angle_alpha   90.00
_cell.angle_beta   90.00
_cell.angle_gamma   90.00
#
_symmetry.space_group_name_H-M   'P 1'
#
loop_
_entity.id
_entity.type
_entity.pdbx_description
1 polymer 'Vitamin K-dependent gamma-carboxylase'
2 polymer 'Coagulation factor IX'
3 branched 2-acetamido-2-deoxy-beta-D-glucopyranose-(1-4)-2-acetamido-2-deoxy-beta-D-glucopyranose
4 non-polymer 'vitamin K1 hydroquinone'
5 non-polymer '(4S,7R)-4-HYDROXY-N,N,N-TRIMETHYL-9-OXO-7-[(PALMITOYLOXY)METHYL]-3,5,8-TRIOXA-4-PHOSPHAHEXACOSAN-1-AMINIUM 4-OXIDE'
6 non-polymer 2-acetamido-2-deoxy-beta-D-glucopyranose
#
loop_
_entity_poly.entity_id
_entity_poly.type
_entity_poly.pdbx_seq_one_letter_code
_entity_poly.pdbx_strand_id
1 'polypeptide(L)'
;GPRQDSRIGKLLGFEWTDLSSWRRLVTLLNRPTDPASLAVFRFLFGFLMVLDIPQERGLSSLDRKYLDGLDVCRFPLLDA
LRPLPLDWMYLVYTIMFLGALGMMLGLCYRISCVLFLLPYWYVFLLDKTSWNNHSYLYGLLAFQLTFMDANHYWSVDGLL
NAHRRNAHVPLWNYAVLRGQIFIVYFIAGVKKLDADWVEGYSMEYLSRHWLFSPFKLLLSEELTSLLVVHWGGLLLDLSA
GFLLFFDVSRSIGLFFVSYFHCMNSQLFSIGMFSYVMLASSPLFCSPEWPRKLVSYCPRRLQQLLPLKAAPQPSVSCVYK
RSRGKSGQKPGLRHQLGAAFTLLYLLEQLFLPYSHFLTQGYNNWTNGLYGYSWDMMVHSRSHQHVKITYRDGRTGELGYL
NPGVFTQSRRWKDHADMLKQYATCLSRLLPKYNVTEPQIYFDIWVSINDRFQQRIFDPRVDIVQAAWSPFQRTSWVQPLL
MDLSPWRAKLQEIKSSLDNHTEVVFIADFPGLHLENFVSEDLGNTSIQLLQGEVTVELVAEQKNQTLREGEKMQLPAGEY
HKVYTTSPSPSCYMYVYVNTTELALEQDLAYLQELKEKVENGSETGPLPPELQPLLEGEVKGGPEPTPLVQTFLRRQQRL
QEIERRRNTPFHERFFRFLLRKLYVFRRSFLMTCISLRNLILGRPSLEQLAQEVTYANLRPFEAVGELNPSNTDSSHSNP
PESNPDPVHSEF
;
A
2 'polypeptide(L)' TVFLDHENANKILNRPKRYNSGKLEEFVQGNLERECMEEKCSFEEAREVFENTERTTEFWKQYV P
#
loop_
_chem_comp.id
_chem_comp.type
_chem_comp.name
_chem_comp.formula
6PL non-polymer '(4S,7R)-4-HYDROXY-N,N,N-TRIMETHYL-9-OXO-7-[(PALMITOYLOXY)METHYL]-3,5,8-TRIOXA-4-PHOSPHAHEXACOSAN-1-AMINIUM 4-OXIDE' 'C42 H85 N O8 P 1'
A1AVC non-polymer 'vitamin K1 hydroquinone' 'C31 H48 O2'
NAG D-saccharide, beta linking 2-acetamido-2-deoxy-beta-D-glucopyranose 'C8 H15 N O6'
#
# COMPACT_ATOMS: atom_id res chain seq x y z
N ASP A 5 23.28 8.60 42.52
CA ASP A 5 22.99 7.38 43.27
C ASP A 5 21.48 7.15 43.42
N SER A 6 20.69 8.20 43.25
CA SER A 6 19.24 8.07 43.40
C SER A 6 18.68 7.11 42.35
N ARG A 7 17.68 6.33 42.74
CA ARG A 7 17.09 5.36 41.83
C ARG A 7 16.44 6.02 40.64
N ILE A 8 15.87 7.22 40.81
CA ILE A 8 15.28 7.93 39.68
C ILE A 8 16.36 8.26 38.65
N GLY A 9 17.49 8.78 39.11
CA GLY A 9 18.60 9.05 38.21
C GLY A 9 19.12 7.80 37.54
N LYS A 10 19.17 6.69 38.28
CA LYS A 10 19.70 5.45 37.72
C LYS A 10 18.78 4.93 36.62
N LEU A 11 17.47 4.89 36.89
CA LEU A 11 16.53 4.35 35.91
C LEU A 11 16.42 5.27 34.69
N LEU A 12 16.18 6.55 34.91
CA LEU A 12 15.94 7.49 33.83
C LEU A 12 17.20 8.18 33.31
N GLY A 13 18.33 8.03 34.00
CA GLY A 13 19.58 8.61 33.55
C GLY A 13 19.79 10.07 33.93
N PHE A 14 18.87 10.68 34.65
CA PHE A 14 19.01 12.08 35.03
C PHE A 14 18.25 12.34 36.31
N GLU A 15 18.75 13.30 37.08
CA GLU A 15 18.10 13.75 38.31
C GLU A 15 17.17 14.92 38.01
N TRP A 16 16.23 15.16 38.92
CA TRP A 16 15.28 16.25 38.72
C TRP A 16 15.99 17.60 38.75
N THR A 17 17.09 17.71 39.49
CA THR A 17 17.80 18.98 39.58
C THR A 17 18.31 19.47 38.24
N ASP A 18 18.52 18.56 37.27
CA ASP A 18 18.96 18.98 35.95
C ASP A 18 17.87 19.76 35.21
N LEU A 19 16.60 19.61 35.60
CA LEU A 19 15.50 20.33 34.98
C LEU A 19 15.15 21.62 35.71
N SER A 20 15.91 22.00 36.73
CA SER A 20 15.57 23.19 37.51
C SER A 20 15.68 24.45 36.67
N SER A 21 16.71 24.55 35.84
CA SER A 21 16.99 25.75 35.05
C SER A 21 17.27 25.37 33.60
N TRP A 22 17.19 26.37 32.73
CA TRP A 22 17.44 26.14 31.31
C TRP A 22 18.87 25.70 31.05
N ARG A 23 19.83 26.33 31.75
CA ARG A 23 21.24 25.99 31.54
C ARG A 23 21.51 24.53 31.90
N ARG A 24 20.94 24.06 33.01
CA ARG A 24 21.15 22.67 33.40
C ARG A 24 20.44 21.71 32.44
N LEU A 25 19.30 22.12 31.89
CA LEU A 25 18.63 21.30 30.88
C LEU A 25 19.50 21.17 29.63
N VAL A 26 20.11 22.28 29.19
CA VAL A 26 20.98 22.23 28.02
C VAL A 26 22.19 21.35 28.31
N THR A 27 22.76 21.48 29.52
CA THR A 27 23.91 20.66 29.88
C THR A 27 23.55 19.18 29.91
N LEU A 28 22.35 18.85 30.39
CA LEU A 28 21.91 17.46 30.40
C LEU A 28 21.74 16.94 28.98
N LEU A 29 21.10 17.71 28.11
CA LEU A 29 20.87 17.27 26.74
C LEU A 29 22.10 17.35 25.86
N ASN A 30 23.21 17.93 26.35
CA ASN A 30 24.45 18.03 25.59
C ASN A 30 25.61 17.37 26.33
N ARG A 31 25.33 16.34 27.12
CA ARG A 31 26.40 15.63 27.81
C ARG A 31 27.09 14.66 26.85
N PRO A 32 28.32 14.24 27.15
CA PRO A 32 29.03 13.32 26.25
C PRO A 32 28.34 11.97 26.14
N THR A 33 28.50 11.34 24.97
CA THR A 33 27.98 10.00 24.74
C THR A 33 28.86 9.33 23.69
N ASP A 34 28.95 8.00 23.78
CA ASP A 34 29.77 7.26 22.83
C ASP A 34 29.12 7.29 21.46
N PRO A 35 29.89 7.46 20.38
CA PRO A 35 29.28 7.61 19.04
C PRO A 35 29.03 6.32 18.27
N ALA A 36 29.24 5.15 18.86
CA ALA A 36 29.31 3.92 18.08
C ALA A 36 27.94 3.50 17.53
N SER A 37 26.92 3.48 18.39
CA SER A 37 25.63 2.94 17.99
C SER A 37 24.99 3.79 16.89
N LEU A 38 25.17 5.11 16.98
CA LEU A 38 24.66 5.98 15.92
C LEU A 38 25.33 5.69 14.60
N ALA A 39 26.64 5.41 14.62
CA ALA A 39 27.34 5.07 13.39
C ALA A 39 26.81 3.78 12.79
N VAL A 40 26.58 2.75 13.63
CA VAL A 40 26.06 1.49 13.13
C VAL A 40 24.68 1.69 12.51
N PHE A 41 23.83 2.46 13.19
CA PHE A 41 22.49 2.72 12.65
C PHE A 41 22.57 3.51 11.36
N ARG A 42 23.49 4.46 11.27
CA ARG A 42 23.69 5.20 10.03
C ARG A 42 24.04 4.26 8.89
N PHE A 43 24.98 3.34 9.13
CA PHE A 43 25.37 2.42 8.07
C PHE A 43 24.20 1.55 7.62
N LEU A 44 23.47 0.99 8.58
CA LEU A 44 22.35 0.12 8.21
C LEU A 44 21.26 0.87 7.46
N PHE A 45 20.91 2.07 7.93
CA PHE A 45 19.88 2.85 7.28
C PHE A 45 20.30 3.24 5.86
N GLY A 46 21.54 3.69 5.70
CA GLY A 46 22.01 4.06 4.38
C GLY A 46 22.02 2.89 3.41
N PHE A 47 22.49 1.73 3.87
CA PHE A 47 22.50 0.55 3.01
C PHE A 47 21.09 0.15 2.61
N LEU A 48 20.15 0.19 3.55
CA LEU A 48 18.78 -0.19 3.22
C LEU A 48 18.16 0.78 2.22
N MET A 49 18.40 2.09 2.39
CA MET A 49 17.84 3.04 1.43
C MET A 49 18.50 2.90 0.06
N VAL A 50 19.80 2.58 0.03
CA VAL A 50 20.48 2.34 -1.24
C VAL A 50 19.83 1.17 -1.96
N LEU A 51 19.56 0.08 -1.24
CA LEU A 51 18.86 -1.04 -1.85
C LEU A 51 17.43 -0.68 -2.23
N ASP A 52 16.80 0.26 -1.52
CA ASP A 52 15.40 0.55 -1.74
C ASP A 52 15.14 1.53 -2.87
N ILE A 53 16.13 2.36 -3.25
CA ILE A 53 15.90 3.34 -4.31
C ILE A 53 15.53 2.68 -5.64
N PRO A 54 16.21 1.62 -6.10
CA PRO A 54 15.84 1.03 -7.40
C PRO A 54 14.61 0.13 -7.38
N GLN A 55 13.98 -0.09 -6.22
CA GLN A 55 12.87 -1.03 -6.09
C GLN A 55 11.54 -0.35 -5.83
N GLU A 56 11.44 0.47 -4.78
CA GLU A 56 10.18 1.07 -4.37
C GLU A 56 10.04 2.53 -4.79
N ARG A 57 11.12 3.30 -4.79
CA ARG A 57 11.05 4.68 -5.22
C ARG A 57 10.69 4.78 -6.71
N GLY A 58 11.00 3.74 -7.48
CA GLY A 58 10.54 3.64 -8.85
C GLY A 58 11.55 3.99 -9.91
N LEU A 59 12.84 3.72 -9.68
CA LEU A 59 13.83 4.04 -10.71
C LEU A 59 13.67 3.15 -11.93
N SER A 60 13.21 1.91 -11.75
CA SER A 60 13.06 1.01 -12.89
C SER A 60 11.84 1.37 -13.73
N SER A 61 10.77 1.83 -13.09
CA SER A 61 9.51 2.14 -13.77
C SER A 61 9.37 3.61 -14.12
N LEU A 62 10.41 4.42 -13.90
CA LEU A 62 10.31 5.86 -14.12
C LEU A 62 10.11 6.21 -15.60
N ASP A 63 10.52 5.33 -16.52
CA ASP A 63 10.40 5.63 -17.93
C ASP A 63 8.97 5.50 -18.45
N ARG A 64 8.14 4.71 -17.77
CA ARG A 64 6.73 4.55 -18.13
C ARG A 64 5.80 5.24 -17.15
N LYS A 65 6.32 6.10 -16.27
CA LYS A 65 5.54 6.84 -15.30
C LYS A 65 5.54 8.34 -15.53
N TYR A 66 6.65 8.89 -16.03
CA TYR A 66 6.77 10.31 -16.37
C TYR A 66 7.12 10.49 -17.84
N LEU A 67 6.61 9.61 -18.70
CA LEU A 67 6.93 9.67 -20.12
C LEU A 67 6.45 10.98 -20.73
N ASP A 68 7.31 11.60 -21.53
CA ASP A 68 6.99 12.88 -22.13
C ASP A 68 5.94 12.72 -23.21
N GLY A 69 5.02 13.68 -23.28
CA GLY A 69 3.95 13.66 -24.26
C GLY A 69 2.69 12.95 -23.81
N LEU A 70 2.76 12.17 -22.75
CA LEU A 70 1.61 11.42 -22.27
C LEU A 70 0.78 12.30 -21.34
N ASP A 71 -0.54 12.28 -21.52
CA ASP A 71 -1.45 13.09 -20.72
C ASP A 71 -2.04 12.21 -19.63
N VAL A 72 -1.57 12.40 -18.40
CA VAL A 72 -2.05 11.67 -17.23
C VAL A 72 -2.30 12.69 -16.13
N CYS A 73 -3.17 12.31 -15.19
CA CYS A 73 -3.59 13.19 -14.11
C CYS A 73 -2.72 12.91 -12.88
N ARG A 74 -1.90 13.90 -12.52
CA ARG A 74 -1.09 13.82 -11.31
C ARG A 74 -1.91 14.27 -10.12
N PHE A 75 -1.43 13.91 -8.93
CA PHE A 75 -2.06 14.30 -7.66
C PHE A 75 -1.00 14.87 -6.72
N PRO A 76 -0.46 16.05 -7.04
CA PRO A 76 0.51 16.69 -6.14
C PRO A 76 -0.19 17.39 -4.99
N LEU A 77 0.55 17.55 -3.88
CA LEU A 77 0.01 18.27 -2.73
C LEU A 77 -0.25 19.72 -3.10
N LEU A 78 0.66 20.34 -3.85
CA LEU A 78 0.51 21.70 -4.35
C LEU A 78 0.31 21.66 -5.85
N ASP A 79 -0.66 22.43 -6.35
CA ASP A 79 -0.88 22.52 -7.78
C ASP A 79 0.26 23.26 -8.48
N ALA A 80 1.08 24.01 -7.73
CA ALA A 80 2.22 24.68 -8.35
C ALA A 80 3.26 23.68 -8.84
N LEU A 81 3.45 22.57 -8.13
CA LEU A 81 4.42 21.57 -8.55
C LEU A 81 4.04 20.98 -9.90
N ARG A 82 5.06 20.71 -10.73
CA ARG A 82 4.88 20.03 -12.00
C ARG A 82 6.12 19.15 -12.18
N PRO A 83 5.97 17.90 -12.65
CA PRO A 83 7.16 17.09 -12.90
C PRO A 83 8.04 17.69 -14.00
N LEU A 84 9.34 17.47 -13.86
CA LEU A 84 10.30 17.82 -14.88
C LEU A 84 10.39 16.70 -15.91
N PRO A 85 11.05 16.92 -17.04
CA PRO A 85 11.22 15.84 -18.02
C PRO A 85 11.94 14.63 -17.43
N LEU A 86 11.91 13.54 -18.19
CA LEU A 86 12.36 12.25 -17.66
C LEU A 86 13.85 12.26 -17.35
N ASP A 87 14.65 12.90 -18.20
CA ASP A 87 16.10 12.90 -17.99
C ASP A 87 16.47 13.63 -16.70
N TRP A 88 15.84 14.76 -16.44
CA TRP A 88 16.13 15.49 -15.21
C TRP A 88 15.66 14.72 -13.99
N MET A 89 14.55 13.99 -14.11
CA MET A 89 14.11 13.13 -13.02
C MET A 89 15.13 12.03 -12.75
N TYR A 90 15.69 11.43 -13.81
CA TYR A 90 16.72 10.42 -13.61
C TYR A 90 17.95 11.03 -12.93
N LEU A 91 18.30 12.26 -13.30
CA LEU A 91 19.40 12.94 -12.62
C LEU A 91 19.08 13.15 -11.14
N VAL A 92 17.83 13.48 -10.82
CA VAL A 92 17.43 13.67 -9.43
C VAL A 92 17.58 12.36 -8.65
N TYR A 93 17.12 11.25 -9.25
CA TYR A 93 17.28 9.96 -8.58
C TYR A 93 18.75 9.57 -8.45
N THR A 94 19.58 9.95 -9.41
CA THR A 94 21.02 9.72 -9.29
C THR A 94 21.59 10.48 -8.10
N ILE A 95 21.14 11.73 -7.91
CA ILE A 95 21.57 12.50 -6.75
C ILE A 95 21.11 11.81 -5.46
N MET A 96 19.90 11.26 -5.46
CA MET A 96 19.43 10.49 -4.31
C MET A 96 20.35 9.33 -4.01
N PHE A 97 20.71 8.56 -5.05
CA PHE A 97 21.57 7.40 -4.85
C PHE A 97 22.94 7.82 -4.32
N LEU A 98 23.51 8.89 -4.87
CA LEU A 98 24.81 9.36 -4.39
C LEU A 98 24.73 9.81 -2.94
N GLY A 99 23.67 10.53 -2.58
CA GLY A 99 23.51 10.93 -1.19
C GLY A 99 23.38 9.74 -0.26
N ALA A 100 22.64 8.71 -0.68
CA ALA A 100 22.48 7.54 0.16
C ALA A 100 23.80 6.81 0.35
N LEU A 101 24.58 6.67 -0.72
CA LEU A 101 25.89 6.04 -0.59
C LEU A 101 26.80 6.87 0.32
N GLY A 102 26.79 8.19 0.16
CA GLY A 102 27.61 9.03 1.02
C GLY A 102 27.24 8.91 2.48
N MET A 103 25.94 8.85 2.78
CA MET A 103 25.51 8.62 4.16
C MET A 103 25.96 7.26 4.65
N MET A 104 25.91 6.25 3.78
CA MET A 104 26.33 4.91 4.19
C MET A 104 27.81 4.89 4.56
N LEU A 105 28.65 5.51 3.73
CA LEU A 105 30.09 5.55 3.97
C LEU A 105 30.52 6.72 4.82
N GLY A 106 29.64 7.66 5.12
CA GLY A 106 30.01 8.81 5.94
C GLY A 106 31.03 9.70 5.29
N LEU A 107 30.92 9.92 3.98
CA LEU A 107 31.83 10.75 3.20
C LEU A 107 31.09 12.03 2.81
N CYS A 108 31.57 13.17 3.29
CA CYS A 108 30.87 14.45 3.13
C CYS A 108 29.44 14.32 3.65
N TYR A 109 29.34 14.03 4.95
CA TYR A 109 28.09 13.54 5.53
C TYR A 109 26.96 14.54 5.39
N ARG A 110 27.22 15.81 5.70
CA ARG A 110 26.13 16.79 5.65
C ARG A 110 25.65 17.02 4.22
N ILE A 111 26.59 17.08 3.26
CA ILE A 111 26.19 17.24 1.87
C ILE A 111 25.42 16.01 1.41
N SER A 112 25.85 14.82 1.83
CA SER A 112 25.12 13.60 1.47
C SER A 112 23.71 13.63 2.03
N CYS A 113 23.55 14.04 3.29
CA CYS A 113 22.23 14.10 3.89
C CYS A 113 21.34 15.10 3.16
N VAL A 114 21.87 16.27 2.81
CA VAL A 114 21.06 17.26 2.10
C VAL A 114 20.65 16.75 0.72
N LEU A 115 21.60 16.15 0.00
CA LEU A 115 21.33 15.67 -1.34
C LEU A 115 20.35 14.51 -1.34
N PHE A 116 20.32 13.71 -0.26
CA PHE A 116 19.28 12.70 -0.13
C PHE A 116 17.95 13.30 0.29
N LEU A 117 17.99 14.34 1.13
CA LEU A 117 16.76 14.84 1.76
C LEU A 117 15.90 15.61 0.77
N LEU A 118 16.49 16.59 0.07
CA LEU A 118 15.67 17.49 -0.74
C LEU A 118 14.99 16.74 -1.89
N PRO A 119 15.71 15.96 -2.71
CA PRO A 119 15.03 15.11 -3.70
C PRO A 119 13.98 14.16 -3.13
N TYR A 120 14.24 13.56 -1.97
CA TYR A 120 13.30 12.59 -1.43
C TYR A 120 11.96 13.24 -1.12
N TRP A 121 11.99 14.39 -0.45
CA TRP A 121 10.75 15.08 -0.15
C TRP A 121 10.10 15.65 -1.40
N TYR A 122 10.89 16.08 -2.38
CA TYR A 122 10.30 16.53 -3.64
C TYR A 122 9.52 15.41 -4.31
N VAL A 123 10.09 14.21 -4.35
CA VAL A 123 9.40 13.08 -4.95
C VAL A 123 8.19 12.68 -4.11
N PHE A 124 8.33 12.72 -2.78
CA PHE A 124 7.24 12.32 -1.91
C PHE A 124 6.03 13.23 -2.08
N LEU A 125 6.24 14.54 -2.16
CA LEU A 125 5.14 15.46 -2.32
C LEU A 125 4.57 15.48 -3.73
N LEU A 126 5.30 14.95 -4.72
CA LEU A 126 4.86 15.07 -6.11
C LEU A 126 3.66 14.19 -6.42
N ASP A 127 3.44 13.12 -5.65
CA ASP A 127 2.36 12.18 -5.95
C ASP A 127 1.78 11.68 -4.63
N LYS A 128 0.54 12.10 -4.34
CA LYS A 128 -0.10 11.70 -3.09
C LYS A 128 -0.49 10.22 -3.09
N THR A 129 -0.54 9.56 -4.24
CA THR A 129 -0.94 8.16 -4.30
C THR A 129 0.18 7.21 -3.90
N SER A 130 1.41 7.71 -3.75
CA SER A 130 2.55 6.90 -3.31
C SER A 130 2.93 7.22 -1.87
N TRP A 131 1.97 7.69 -1.07
CA TRP A 131 2.20 7.98 0.34
C TRP A 131 1.95 6.75 1.18
N ASN A 132 2.90 6.44 2.05
CA ASN A 132 2.75 5.34 3.00
C ASN A 132 3.54 5.71 4.25
N ASN A 133 3.22 5.02 5.35
CA ASN A 133 3.80 5.38 6.64
C ASN A 133 5.31 5.20 6.65
N HIS A 134 5.81 4.13 6.02
CA HIS A 134 7.25 3.88 6.08
C HIS A 134 8.04 4.86 5.22
N SER A 135 7.47 5.33 4.11
CA SER A 135 8.14 6.38 3.34
C SER A 135 8.25 7.67 4.15
N TYR A 136 7.16 8.03 4.84
CA TYR A 136 7.19 9.20 5.71
C TYR A 136 8.22 9.01 6.83
N LEU A 137 8.33 7.80 7.36
CA LEU A 137 9.32 7.53 8.39
C LEU A 137 10.73 7.69 7.86
N TYR A 138 10.99 7.19 6.65
CA TYR A 138 12.31 7.36 6.05
C TYR A 138 12.63 8.83 5.85
N GLY A 139 11.64 9.60 5.39
CA GLY A 139 11.85 11.03 5.24
C GLY A 139 12.18 11.71 6.54
N LEU A 140 11.45 11.36 7.61
CA LEU A 140 11.71 11.98 8.91
C LEU A 140 13.10 11.59 9.42
N LEU A 141 13.50 10.33 9.25
CA LEU A 141 14.82 9.91 9.68
C LEU A 141 15.91 10.65 8.92
N ALA A 142 15.74 10.80 7.60
CA ALA A 142 16.72 11.55 6.82
C ALA A 142 16.79 12.99 7.28
N PHE A 143 15.64 13.60 7.58
CA PHE A 143 15.63 14.98 8.08
C PHE A 143 16.36 15.09 9.41
N GLN A 144 16.13 14.13 10.31
CA GLN A 144 16.80 14.16 11.61
C GLN A 144 18.31 14.03 11.44
N LEU A 145 18.76 13.05 10.66
CA LEU A 145 20.17 12.74 10.59
C LEU A 145 20.98 13.84 9.91
N THR A 146 20.34 14.76 9.20
CA THR A 146 21.07 15.87 8.60
C THR A 146 21.75 16.74 9.64
N PHE A 147 21.17 16.84 10.85
CA PHE A 147 21.73 17.62 11.93
C PHE A 147 22.59 16.82 12.88
N MET A 148 22.39 15.51 12.95
CA MET A 148 23.10 14.69 13.93
C MET A 148 24.54 14.45 13.49
N ASP A 149 25.43 14.36 14.50
CA ASP A 149 26.86 14.14 14.26
C ASP A 149 27.14 12.64 14.26
N ALA A 150 26.74 12.00 13.15
CA ALA A 150 26.87 10.55 12.99
C ALA A 150 28.12 10.15 12.23
N ASN A 151 28.97 11.10 11.85
CA ASN A 151 30.20 10.81 11.10
C ASN A 151 31.42 10.74 11.99
N HIS A 152 31.23 10.48 13.29
CA HIS A 152 32.34 10.46 14.24
C HIS A 152 32.97 9.08 14.42
N TYR A 153 32.25 8.01 14.12
CA TYR A 153 32.75 6.65 14.28
C TYR A 153 32.52 5.85 13.02
N TRP A 154 33.55 5.13 12.58
CA TRP A 154 33.48 4.27 11.40
C TRP A 154 33.03 5.07 10.18
N SER A 155 33.81 6.09 9.84
CA SER A 155 33.50 7.00 8.76
C SER A 155 34.75 7.37 8.01
N VAL A 156 34.65 7.43 6.68
CA VAL A 156 35.78 7.82 5.85
C VAL A 156 36.16 9.27 6.12
N ASP A 157 35.17 10.12 6.44
CA ASP A 157 35.46 11.51 6.76
C ASP A 157 36.40 11.62 7.96
N GLY A 158 36.33 10.68 8.90
CA GLY A 158 37.28 10.67 9.99
C GLY A 158 38.71 10.45 9.51
N LEU A 159 38.90 9.50 8.60
CA LEU A 159 40.23 9.28 8.04
C LEU A 159 40.69 10.48 7.23
N LEU A 160 39.76 11.17 6.57
CA LEU A 160 40.09 12.39 5.84
C LEU A 160 40.29 13.59 6.76
N ASN A 161 39.83 13.53 8.01
CA ASN A 161 39.92 14.65 8.94
C ASN A 161 40.02 14.10 10.35
N ALA A 162 41.21 14.25 10.96
CA ALA A 162 41.50 13.58 12.22
C ALA A 162 40.69 14.14 13.39
N HIS A 163 40.21 15.37 13.31
CA HIS A 163 39.54 15.99 14.45
C HIS A 163 38.21 15.34 14.76
N ARG A 164 37.54 14.76 13.77
CA ARG A 164 36.21 14.16 13.92
C ARG A 164 36.28 12.64 13.88
N ARG A 165 37.35 12.06 14.43
CA ARG A 165 37.58 10.61 14.42
C ARG A 165 37.45 10.08 15.84
N ASN A 166 36.42 9.26 16.08
CA ASN A 166 36.21 8.60 17.36
C ASN A 166 36.06 9.61 18.50
N ALA A 167 35.12 10.53 18.31
CA ALA A 167 34.89 11.63 19.25
C ALA A 167 33.48 11.56 19.81
N HIS A 168 33.27 12.30 20.89
CA HIS A 168 31.99 12.29 21.58
C HIS A 168 30.91 13.00 20.76
N VAL A 169 29.67 12.69 21.08
CA VAL A 169 28.49 13.31 20.45
C VAL A 169 27.53 13.74 21.55
N PRO A 170 26.73 14.79 21.37
CA PRO A 170 25.79 15.17 22.42
C PRO A 170 24.68 14.14 22.61
N LEU A 171 24.04 14.22 23.77
CA LEU A 171 23.06 13.20 24.14
C LEU A 171 21.79 13.27 23.31
N TRP A 172 21.44 14.45 22.78
CA TRP A 172 20.15 14.58 22.11
C TRP A 172 20.10 13.83 20.79
N ASN A 173 21.25 13.47 20.21
CA ASN A 173 21.27 12.66 19.00
C ASN A 173 20.53 11.35 19.23
N TYR A 174 20.82 10.67 20.33
CA TYR A 174 20.13 9.43 20.65
C TYR A 174 18.70 9.69 21.10
N ALA A 175 18.49 10.80 21.82
CA ALA A 175 17.18 11.08 22.39
C ALA A 175 16.13 11.28 21.31
N VAL A 176 16.48 12.01 20.24
CA VAL A 176 15.49 12.28 19.20
C VAL A 176 15.08 10.98 18.51
N LEU A 177 16.04 10.11 18.19
CA LEU A 177 15.71 8.85 17.54
C LEU A 177 14.88 7.95 18.46
N ARG A 178 15.25 7.87 19.73
CA ARG A 178 14.46 7.07 20.67
C ARG A 178 13.05 7.59 20.78
N GLY A 179 12.89 8.92 20.86
CA GLY A 179 11.56 9.49 20.90
C GLY A 179 10.77 9.20 19.64
N GLN A 180 11.42 9.24 18.48
CA GLN A 180 10.73 8.94 17.23
C GLN A 180 10.21 7.51 17.22
N ILE A 181 11.05 6.56 17.61
CA ILE A 181 10.62 5.16 17.60
C ILE A 181 9.50 4.94 18.63
N PHE A 182 9.63 5.56 19.81
CA PHE A 182 8.58 5.43 20.81
C PHE A 182 7.28 6.02 20.34
N ILE A 183 7.34 7.18 19.67
CA ILE A 183 6.12 7.79 19.15
C ILE A 183 5.48 6.90 18.10
N VAL A 184 6.29 6.30 17.23
CA VAL A 184 5.76 5.39 16.22
C VAL A 184 5.00 4.25 16.89
N TYR A 185 5.64 3.57 17.84
CA TYR A 185 4.99 2.42 18.47
C TYR A 185 3.75 2.83 19.26
N PHE A 186 3.86 3.91 20.04
CA PHE A 186 2.76 4.30 20.92
C PHE A 186 1.56 4.83 20.13
N ILE A 187 1.81 5.63 19.09
CA ILE A 187 0.70 6.15 18.31
C ILE A 187 0.06 5.01 17.51
N ALA A 188 0.86 4.07 17.02
CA ALA A 188 0.28 2.90 16.36
C ALA A 188 -0.61 2.13 17.32
N GLY A 189 -0.16 1.94 18.56
CA GLY A 189 -0.98 1.24 19.54
C GLY A 189 -2.26 1.97 19.87
N VAL A 190 -2.18 3.27 20.14
CA VAL A 190 -3.36 4.01 20.60
C VAL A 190 -4.36 4.16 19.46
N LYS A 191 -3.87 4.32 18.22
CA LYS A 191 -4.79 4.39 17.08
C LYS A 191 -5.57 3.10 16.91
N LYS A 192 -5.00 1.98 17.32
CA LYS A 192 -5.66 0.68 17.24
C LYS A 192 -6.66 0.46 18.38
N LEU A 193 -6.99 1.48 19.17
CA LEU A 193 -8.09 1.40 20.14
C LEU A 193 -9.39 1.84 19.48
N ASP A 194 -9.71 1.17 18.37
CA ASP A 194 -10.89 1.43 17.58
C ASP A 194 -11.74 0.15 17.52
N ALA A 195 -13.05 0.33 17.36
CA ALA A 195 -13.97 -0.79 17.42
C ALA A 195 -13.71 -1.82 16.32
N ASP A 196 -13.09 -1.41 15.21
CA ASP A 196 -12.86 -2.32 14.09
C ASP A 196 -11.58 -3.14 14.23
N TRP A 197 -10.74 -2.86 15.23
CA TRP A 197 -9.54 -3.65 15.48
C TRP A 197 -9.63 -4.54 16.71
N VAL A 198 -10.21 -4.03 17.81
CA VAL A 198 -10.39 -4.87 18.98
C VAL A 198 -11.43 -5.96 18.76
N GLU A 199 -12.30 -5.80 17.75
CA GLU A 199 -13.34 -6.78 17.44
C GLU A 199 -12.93 -7.74 16.34
N GLY A 200 -11.73 -7.60 15.77
CA GLY A 200 -11.20 -8.60 14.87
C GLY A 200 -11.59 -8.45 13.41
N TYR A 201 -12.22 -7.34 13.02
CA TYR A 201 -12.70 -7.21 11.66
C TYR A 201 -11.56 -6.91 10.68
N SER A 202 -10.72 -5.93 11.02
CA SER A 202 -9.63 -5.56 10.13
C SER A 202 -8.57 -6.66 10.11
N MET A 203 -8.15 -7.05 8.92
CA MET A 203 -7.15 -8.12 8.73
C MET A 203 -7.61 -9.42 9.39
N GLU A 204 -8.85 -9.81 9.09
CA GLU A 204 -9.42 -11.03 9.64
C GLU A 204 -8.91 -12.29 8.94
N TYR A 205 -8.36 -12.19 7.74
CA TYR A 205 -7.93 -13.33 6.96
C TYR A 205 -6.43 -13.60 7.09
N LEU A 206 -5.75 -12.98 8.06
CA LEU A 206 -4.33 -13.23 8.27
C LEU A 206 -4.08 -14.45 9.15
N SER A 207 -5.12 -15.04 9.75
CA SER A 207 -4.94 -16.18 10.63
C SER A 207 -4.83 -17.50 9.89
N ARG A 208 -5.08 -17.54 8.58
CA ARG A 208 -4.96 -18.76 7.80
C ARG A 208 -3.56 -18.97 7.23
N HIS A 209 -2.66 -18.02 7.40
CA HIS A 209 -1.31 -18.16 6.88
C HIS A 209 -0.58 -19.30 7.60
N TRP A 210 0.32 -19.96 6.87
CA TRP A 210 1.02 -21.09 7.44
C TRP A 210 1.96 -20.70 8.58
N LEU A 211 2.37 -19.43 8.65
CA LEU A 211 3.21 -18.99 9.77
C LEU A 211 2.46 -19.07 11.09
N PHE A 212 1.14 -18.98 11.07
CA PHE A 212 0.32 -19.15 12.26
C PHE A 212 -0.08 -20.60 12.50
N SER A 213 0.46 -21.53 11.72
CA SER A 213 0.17 -22.96 11.92
C SER A 213 0.49 -23.45 13.33
N PRO A 214 1.65 -23.14 13.95
CA PRO A 214 1.89 -23.67 15.30
C PRO A 214 0.89 -23.17 16.33
N PHE A 215 0.41 -21.94 16.19
CA PHE A 215 -0.59 -21.44 17.13
C PHE A 215 -1.88 -22.24 17.07
N LYS A 216 -2.25 -22.71 15.87
CA LYS A 216 -3.50 -23.45 15.72
C LYS A 216 -3.49 -24.79 16.44
N LEU A 217 -2.31 -25.30 16.80
CA LEU A 217 -2.24 -26.58 17.50
C LEU A 217 -2.93 -26.53 18.84
N LEU A 218 -3.01 -25.35 19.46
CA LEU A 218 -3.63 -25.17 20.77
C LEU A 218 -4.89 -24.31 20.75
N LEU A 219 -5.12 -23.53 19.69
CA LEU A 219 -6.26 -22.62 19.60
C LEU A 219 -6.99 -22.82 18.28
N SER A 220 -8.30 -22.56 18.32
CA SER A 220 -9.09 -22.57 17.11
C SER A 220 -8.76 -21.35 16.25
N GLU A 221 -9.11 -21.44 14.96
CA GLU A 221 -8.79 -20.37 14.02
C GLU A 221 -9.50 -19.07 14.40
N GLU A 222 -10.77 -19.17 14.80
CA GLU A 222 -11.55 -17.96 15.08
C GLU A 222 -10.96 -17.18 16.25
N LEU A 223 -10.56 -17.89 17.31
CA LEU A 223 -9.91 -17.20 18.43
C LEU A 223 -8.49 -16.78 18.08
N THR A 224 -7.79 -17.55 17.24
CA THR A 224 -6.44 -17.18 16.84
C THR A 224 -6.43 -15.90 16.01
N SER A 225 -7.53 -15.63 15.30
CA SER A 225 -7.62 -14.40 14.52
C SER A 225 -7.90 -13.17 15.36
N LEU A 226 -8.23 -13.33 16.65
CA LEU A 226 -8.57 -12.23 17.54
C LEU A 226 -7.54 -12.02 18.64
N LEU A 227 -7.23 -13.07 19.41
CA LEU A 227 -6.30 -12.92 20.53
C LEU A 227 -4.88 -12.66 20.06
N VAL A 228 -4.45 -13.35 19.00
CA VAL A 228 -3.05 -13.32 18.58
C VAL A 228 -2.80 -12.14 17.66
N VAL A 229 -3.56 -12.05 16.57
CA VAL A 229 -3.26 -11.05 15.54
C VAL A 229 -3.54 -9.65 16.04
N HIS A 230 -4.71 -9.43 16.63
CA HIS A 230 -5.16 -8.08 16.98
C HIS A 230 -4.73 -7.65 18.37
N TRP A 231 -5.17 -8.39 19.39
CA TRP A 231 -4.82 -8.02 20.77
C TRP A 231 -3.32 -8.13 20.98
N GLY A 232 -2.71 -9.17 20.41
CA GLY A 232 -1.26 -9.27 20.43
C GLY A 232 -0.60 -8.07 19.77
N GLY A 233 -1.18 -7.59 18.67
CA GLY A 233 -0.62 -6.44 18.00
C GLY A 233 -0.66 -5.18 18.86
N LEU A 234 -1.81 -4.93 19.49
CA LEU A 234 -1.93 -3.74 20.34
C LEU A 234 -0.99 -3.83 21.55
N LEU A 235 -1.01 -4.97 22.24
CA LEU A 235 -0.15 -5.14 23.41
C LEU A 235 1.31 -5.05 23.03
N LEU A 236 1.69 -5.61 21.87
CA LEU A 236 3.07 -5.52 21.43
C LEU A 236 3.46 -4.11 21.05
N ASP A 237 2.53 -3.32 20.51
CA ASP A 237 2.83 -1.92 20.24
C ASP A 237 3.18 -1.19 21.52
N LEU A 238 2.33 -1.33 22.54
CA LEU A 238 2.60 -0.64 23.80
C LEU A 238 3.88 -1.17 24.47
N SER A 239 4.06 -2.49 24.43
CA SER A 239 5.24 -3.10 25.06
C SER A 239 6.52 -2.69 24.35
N ALA A 240 6.52 -2.69 23.02
CA ALA A 240 7.70 -2.22 22.29
C ALA A 240 7.94 -0.75 22.56
N GLY A 241 6.89 0.03 22.80
CA GLY A 241 7.09 1.42 23.17
C GLY A 241 7.84 1.57 24.48
N PHE A 242 7.44 0.81 25.50
CA PHE A 242 7.89 1.07 26.87
C PHE A 242 9.00 0.16 27.38
N LEU A 243 8.99 -1.13 27.04
CA LEU A 243 9.90 -2.09 27.66
C LEU A 243 11.36 -1.79 27.35
N LEU A 244 11.66 -1.42 26.10
CA LEU A 244 13.06 -1.33 25.68
C LEU A 244 13.82 -0.25 26.45
N PHE A 245 13.13 0.80 26.89
CA PHE A 245 13.83 1.89 27.56
C PHE A 245 14.41 1.45 28.89
N PHE A 246 13.68 0.62 29.64
CA PHE A 246 14.10 0.23 30.97
C PHE A 246 15.11 -0.92 30.90
N ASP A 247 15.90 -1.04 31.98
CA ASP A 247 17.06 -1.93 31.95
C ASP A 247 16.66 -3.39 31.99
N VAL A 248 15.73 -3.75 32.87
CA VAL A 248 15.43 -5.17 33.10
C VAL A 248 14.75 -5.78 31.89
N SER A 249 13.90 -5.01 31.19
CA SER A 249 13.00 -5.54 30.18
C SER A 249 13.59 -5.55 28.78
N ARG A 250 14.87 -5.21 28.61
CA ARG A 250 15.40 -5.04 27.27
C ARG A 250 15.45 -6.36 26.50
N SER A 251 15.83 -7.46 27.16
CA SER A 251 16.01 -8.72 26.46
C SER A 251 14.69 -9.26 25.93
N ILE A 252 13.67 -9.33 26.79
CA ILE A 252 12.37 -9.87 26.39
C ILE A 252 11.76 -8.99 25.31
N GLY A 253 11.85 -7.68 25.49
CA GLY A 253 11.34 -6.77 24.48
C GLY A 253 12.02 -6.93 23.14
N LEU A 254 13.35 -7.08 23.16
CA LEU A 254 14.09 -7.27 21.91
C LEU A 254 13.67 -8.55 21.22
N PHE A 255 13.52 -9.64 21.98
CA PHE A 255 13.10 -10.91 21.39
C PHE A 255 11.71 -10.79 20.76
N PHE A 256 10.76 -10.23 21.52
CA PHE A 256 9.40 -10.11 20.99
C PHE A 256 9.36 -9.21 19.76
N VAL A 257 10.03 -8.06 19.80
CA VAL A 257 9.96 -7.14 18.68
C VAL A 257 10.66 -7.72 17.45
N SER A 258 11.78 -8.42 17.65
CA SER A 258 12.48 -9.01 16.52
C SER A 258 11.64 -10.09 15.86
N TYR A 259 11.04 -10.98 16.66
CA TYR A 259 10.19 -12.02 16.09
C TYR A 259 8.97 -11.42 15.41
N PHE A 260 8.37 -10.40 16.03
CA PHE A 260 7.23 -9.71 15.44
C PHE A 260 7.59 -9.11 14.09
N HIS A 261 8.76 -8.48 13.98
CA HIS A 261 9.13 -7.81 12.74
C HIS A 261 9.47 -8.83 11.65
N CYS A 262 10.12 -9.94 12.03
CA CYS A 262 10.37 -10.99 11.03
C CYS A 262 9.07 -11.58 10.51
N MET A 263 8.13 -11.84 11.41
CA MET A 263 6.84 -12.40 11.00
C MET A 263 6.08 -11.41 10.12
N ASN A 264 6.11 -10.12 10.47
CA ASN A 264 5.48 -9.11 9.62
C ASN A 264 6.13 -9.05 8.25
N SER A 265 7.46 -9.12 8.19
CA SER A 265 8.16 -9.06 6.91
C SER A 265 7.77 -10.23 6.02
N GLN A 266 7.67 -11.42 6.60
CA GLN A 266 7.32 -12.59 5.78
C GLN A 266 5.84 -12.63 5.43
N LEU A 267 4.96 -12.10 6.31
CA LEU A 267 3.54 -12.13 6.03
C LEU A 267 3.14 -11.10 4.98
N PHE A 268 3.71 -9.90 5.05
CA PHE A 268 3.34 -8.78 4.20
C PHE A 268 4.42 -8.53 3.15
N SER A 269 4.14 -7.57 2.27
CA SER A 269 5.08 -7.09 1.26
C SER A 269 5.30 -5.58 1.44
N ILE A 270 5.47 -5.16 2.70
CA ILE A 270 5.63 -3.73 2.98
C ILE A 270 6.92 -3.21 2.37
N GLY A 271 7.97 -4.04 2.36
CA GLY A 271 9.24 -3.69 1.75
C GLY A 271 10.38 -3.70 2.75
N MET A 272 11.02 -2.54 2.93
CA MET A 272 12.17 -2.42 3.82
C MET A 272 11.79 -1.88 5.19
N PHE A 273 10.49 -1.72 5.48
CA PHE A 273 10.08 -1.13 6.74
C PHE A 273 10.47 -2.02 7.92
N SER A 274 10.19 -3.33 7.80
CA SER A 274 10.49 -4.24 8.90
C SER A 274 11.99 -4.30 9.19
N TYR A 275 12.81 -4.30 8.15
CA TYR A 275 14.25 -4.34 8.35
C TYR A 275 14.75 -3.05 8.99
N VAL A 276 14.19 -1.90 8.59
CA VAL A 276 14.58 -0.64 9.21
C VAL A 276 14.19 -0.62 10.68
N MET A 277 13.01 -1.15 11.02
CA MET A 277 12.63 -1.20 12.43
C MET A 277 13.53 -2.16 13.21
N LEU A 278 13.92 -3.27 12.58
CA LEU A 278 14.90 -4.16 13.21
C LEU A 278 16.22 -3.43 13.47
N ALA A 279 16.65 -2.61 12.52
CA ALA A 279 17.87 -1.82 12.71
C ALA A 279 17.70 -0.81 13.84
N SER A 280 16.50 -0.24 13.97
CA SER A 280 16.27 0.76 15.01
C SER A 280 16.14 0.14 16.39
N SER A 281 15.75 -1.13 16.49
CA SER A 281 15.55 -1.75 17.80
C SER A 281 16.80 -1.76 18.67
N PRO A 282 18.00 -2.08 18.17
CA PRO A 282 19.20 -2.00 19.02
C PRO A 282 19.52 -0.61 19.53
N LEU A 283 18.94 0.45 18.97
CA LEU A 283 19.32 1.81 19.35
C LEU A 283 19.02 2.10 20.82
N PHE A 284 18.11 1.36 21.44
CA PHE A 284 17.85 1.52 22.86
C PHE A 284 18.90 0.88 23.75
N CYS A 285 19.84 0.12 23.18
CA CYS A 285 20.91 -0.46 23.96
C CYS A 285 21.87 0.64 24.41
N SER A 286 22.91 0.24 25.15
CA SER A 286 23.88 1.21 25.64
C SER A 286 24.61 1.83 24.45
N PRO A 287 25.03 3.10 24.55
CA PRO A 287 25.62 3.75 23.36
C PRO A 287 26.97 3.21 22.94
N GLU A 288 27.57 2.27 23.67
CA GLU A 288 28.92 1.79 23.42
C GLU A 288 28.98 0.30 23.14
N TRP A 289 27.85 -0.33 22.80
CA TRP A 289 27.86 -1.77 22.56
C TRP A 289 28.79 -2.22 21.44
N PRO A 290 28.88 -1.55 20.27
CA PRO A 290 29.79 -2.07 19.24
C PRO A 290 31.25 -2.07 19.65
N ARG A 291 31.68 -1.10 20.45
CA ARG A 291 33.09 -1.04 20.84
C ARG A 291 33.46 -2.22 21.73
N LYS A 292 32.67 -2.48 22.76
CA LYS A 292 32.97 -3.60 23.64
C LYS A 292 32.71 -4.94 22.94
N LEU A 293 31.78 -4.97 21.98
CA LEU A 293 31.60 -6.18 21.19
C LEU A 293 32.84 -6.47 20.35
N VAL A 294 33.43 -5.44 19.75
CA VAL A 294 34.66 -5.61 18.99
C VAL A 294 35.82 -5.99 19.90
N SER A 295 35.81 -5.45 21.13
CA SER A 295 36.87 -5.78 22.09
C SER A 295 36.91 -7.27 22.38
N TYR A 296 35.77 -7.95 22.33
CA TYR A 296 35.72 -9.40 22.46
C TYR A 296 35.99 -10.07 21.12
N CYS A 297 37.14 -9.78 20.51
CA CYS A 297 37.58 -10.41 19.28
C CYS A 297 39.08 -10.64 19.37
N PRO A 298 39.62 -11.62 18.63
CA PRO A 298 41.08 -11.79 18.61
C PRO A 298 41.77 -10.58 18.00
N ARG A 299 43.10 -10.57 18.12
CA ARG A 299 43.88 -9.44 17.65
C ARG A 299 43.77 -9.28 16.13
N ARG A 300 43.77 -10.39 15.39
CA ARG A 300 43.76 -10.31 13.94
C ARG A 300 42.51 -9.63 13.41
N LEU A 301 41.33 -9.97 13.97
CA LEU A 301 40.10 -9.33 13.53
C LEU A 301 40.12 -7.83 13.84
N GLN A 302 40.67 -7.45 14.99
CA GLN A 302 40.70 -6.04 15.39
C GLN A 302 41.55 -5.19 14.46
N GLN A 303 42.46 -5.79 13.70
CA GLN A 303 43.34 -5.01 12.84
C GLN A 303 42.60 -4.29 11.73
N LEU A 304 41.38 -4.73 11.37
CA LEU A 304 40.61 -4.14 10.29
C LEU A 304 39.30 -3.50 10.73
N LEU A 305 38.73 -3.92 11.86
CA LEU A 305 37.52 -3.31 12.37
C LEU A 305 37.83 -1.91 12.89
N PRO A 306 36.82 -1.11 13.20
CA PRO A 306 37.08 0.24 13.73
C PRO A 306 37.85 0.20 15.04
N LEU A 307 38.26 1.39 15.47
CA LEU A 307 39.16 1.53 16.63
C LEU A 307 38.48 1.05 17.91
N LYS A 308 39.30 0.58 18.83
CA LYS A 308 38.87 0.12 20.14
C LYS A 308 39.27 1.07 21.27
N ALA A 309 40.00 2.13 20.96
CA ALA A 309 40.41 3.08 21.98
C ALA A 309 39.20 3.86 22.50
N ALA A 310 39.35 4.41 23.70
CA ALA A 310 38.28 5.21 24.29
C ALA A 310 38.08 6.48 23.48
N PRO A 311 36.86 7.01 23.43
CA PRO A 311 36.62 8.21 22.60
C PRO A 311 37.35 9.43 23.14
N GLN A 312 37.67 10.34 22.22
CA GLN A 312 38.36 11.58 22.55
C GLN A 312 37.37 12.71 22.76
N PRO A 313 37.78 13.81 23.39
CA PRO A 313 36.85 14.93 23.58
C PRO A 313 36.39 15.53 22.26
N SER A 314 35.18 16.08 22.27
CA SER A 314 34.59 16.82 21.17
C SER A 314 34.44 18.28 21.55
N VAL A 315 34.04 19.10 20.57
CA VAL A 315 33.86 20.53 20.76
C VAL A 315 32.40 20.95 20.76
N SER A 316 31.47 20.04 20.44
CA SER A 316 30.05 20.34 20.42
C SER A 316 29.33 19.76 21.65
N CYS A 317 30.00 19.73 22.79
CA CYS A 317 29.44 19.20 24.02
C CYS A 317 29.90 20.03 25.20
N VAL A 318 29.14 19.96 26.29
CA VAL A 318 29.43 20.71 27.51
C VAL A 318 30.08 19.75 28.51
N TYR A 319 31.33 20.04 28.88
CA TYR A 319 32.11 19.20 29.78
C TYR A 319 32.18 19.86 31.15
N LYS A 320 31.86 19.09 32.19
CA LYS A 320 31.88 19.59 33.56
C LYS A 320 33.27 19.41 34.17
N ARG A 321 33.70 20.43 34.90
CA ARG A 321 34.99 20.37 35.58
C ARG A 321 34.86 19.71 36.95
N GLY A 327 33.35 24.86 35.23
CA GLY A 327 32.15 25.24 34.52
C GLY A 327 32.42 25.78 33.13
N GLN A 328 31.68 25.28 32.15
CA GLN A 328 31.79 25.68 30.75
C GLN A 328 30.50 26.36 30.34
N LYS A 329 30.61 27.58 29.83
CA LYS A 329 29.43 28.32 29.40
C LYS A 329 28.93 27.74 28.07
N PRO A 330 27.66 27.35 27.95
CA PRO A 330 27.17 26.86 26.65
C PRO A 330 27.25 27.92 25.57
N GLY A 331 27.50 27.47 24.34
CA GLY A 331 27.52 28.35 23.19
C GLY A 331 26.13 28.56 22.62
N LEU A 332 26.02 28.52 21.29
CA LEU A 332 24.74 28.68 20.60
C LEU A 332 24.19 27.38 20.05
N ARG A 333 25.03 26.52 19.45
CA ARG A 333 24.55 25.25 18.95
C ARG A 333 24.04 24.36 20.08
N HIS A 334 24.62 24.50 21.28
CA HIS A 334 24.19 23.69 22.41
C HIS A 334 22.74 23.98 22.77
N GLN A 335 22.36 25.25 22.78
CA GLN A 335 20.98 25.61 23.10
C GLN A 335 20.03 25.21 21.97
N LEU A 336 20.45 25.42 20.73
CA LEU A 336 19.60 25.09 19.59
C LEU A 336 19.34 23.59 19.50
N GLY A 337 20.29 22.77 19.97
CA GLY A 337 20.05 21.33 19.97
C GLY A 337 18.89 20.95 20.86
N ALA A 338 18.87 21.49 22.08
CA ALA A 338 17.76 21.21 22.99
C ALA A 338 16.45 21.77 22.45
N ALA A 339 16.50 22.99 21.90
CA ALA A 339 15.28 23.59 21.35
C ALA A 339 14.73 22.74 20.21
N PHE A 340 15.60 22.28 19.31
CA PHE A 340 15.16 21.43 18.21
C PHE A 340 14.58 20.12 18.73
N THR A 341 15.23 19.51 19.72
CA THR A 341 14.73 18.25 20.25
C THR A 341 13.31 18.41 20.80
N LEU A 342 13.12 19.41 21.67
CA LEU A 342 11.80 19.60 22.28
C LEU A 342 10.74 19.93 21.24
N LEU A 343 11.05 20.88 20.34
CA LEU A 343 10.05 21.28 19.35
C LEU A 343 9.72 20.13 18.40
N TYR A 344 10.73 19.37 17.98
CA TYR A 344 10.47 18.26 17.05
C TYR A 344 9.63 17.18 17.71
N LEU A 345 9.92 16.84 18.97
CA LEU A 345 9.10 15.82 19.63
C LEU A 345 7.67 16.31 19.82
N LEU A 346 7.47 17.57 20.19
CA LEU A 346 6.12 18.10 20.33
C LEU A 346 5.39 18.08 18.99
N GLU A 347 6.08 18.45 17.91
CA GLU A 347 5.46 18.42 16.59
C GLU A 347 5.07 17.01 16.19
N GLN A 348 5.93 16.03 16.46
CA GLN A 348 5.61 14.65 16.14
C GLN A 348 4.39 14.18 16.94
N LEU A 349 4.30 14.56 18.21
CA LEU A 349 3.14 14.19 19.00
C LEU A 349 1.87 14.82 18.45
N PHE A 350 1.94 16.09 18.04
CA PHE A 350 0.74 16.81 17.63
C PHE A 350 0.26 16.43 16.23
N LEU A 351 1.18 16.14 15.31
CA LEU A 351 0.80 16.02 13.89
C LEU A 351 -0.24 14.94 13.62
N PRO A 352 -0.17 13.74 14.21
CA PRO A 352 -1.21 12.74 13.92
C PRO A 352 -2.60 13.17 14.32
N TYR A 353 -2.74 14.07 15.29
CA TYR A 353 -4.03 14.54 15.79
C TYR A 353 -4.34 15.96 15.33
N SER A 354 -3.77 16.38 14.21
CA SER A 354 -4.03 17.69 13.64
C SER A 354 -5.17 17.66 12.62
N HIS A 355 -6.04 16.64 12.66
CA HIS A 355 -7.11 16.52 11.70
C HIS A 355 -8.28 17.46 11.98
N PHE A 356 -8.31 18.09 13.16
CA PHE A 356 -9.35 19.08 13.43
C PHE A 356 -9.06 20.44 12.81
N LEU A 357 -7.86 20.64 12.26
CA LEU A 357 -7.51 21.88 11.58
C LEU A 357 -7.64 21.76 10.06
N THR A 358 -7.12 20.67 9.49
CA THR A 358 -7.19 20.42 8.05
C THR A 358 -8.37 19.50 7.78
N GLN A 359 -9.58 20.08 7.83
CA GLN A 359 -10.80 19.32 7.63
C GLN A 359 -11.18 19.15 6.17
N GLY A 360 -10.53 19.87 5.25
CA GLY A 360 -10.81 19.65 3.84
C GLY A 360 -10.44 18.25 3.38
N TYR A 361 -9.42 17.67 3.98
CA TYR A 361 -8.97 16.33 3.64
C TYR A 361 -9.70 15.24 4.42
N ASN A 362 -10.55 15.60 5.37
CA ASN A 362 -11.26 14.60 6.14
C ASN A 362 -12.30 13.88 5.28
N ASN A 363 -12.55 12.62 5.63
CA ASN A 363 -13.46 11.73 4.92
C ASN A 363 -14.06 10.79 5.96
N TRP A 364 -14.58 9.65 5.52
CA TRP A 364 -14.95 8.59 6.46
C TRP A 364 -13.80 8.27 7.40
N THR A 365 -12.59 8.20 6.88
CA THR A 365 -11.39 8.09 7.69
C THR A 365 -10.93 9.48 8.10
N ASN A 366 -9.78 9.57 8.77
CA ASN A 366 -9.24 10.82 9.26
C ASN A 366 -8.02 11.21 8.43
N GLY A 367 -8.15 12.31 7.68
CA GLY A 367 -7.03 12.88 6.95
C GLY A 367 -6.41 11.97 5.92
N LEU A 368 -5.38 12.47 5.25
CA LEU A 368 -4.66 11.68 4.26
C LEU A 368 -3.96 10.50 4.92
N TYR A 369 -3.58 9.53 4.10
CA TYR A 369 -2.81 8.38 4.56
C TYR A 369 -1.33 8.72 4.53
N GLY A 370 -0.63 8.33 5.59
CA GLY A 370 0.82 8.42 5.63
C GLY A 370 1.42 8.94 6.92
N TYR A 371 0.73 9.85 7.62
CA TYR A 371 1.29 10.54 8.77
C TYR A 371 0.48 10.34 10.05
N SER A 372 -0.28 9.24 10.14
CA SER A 372 -1.07 8.93 11.32
C SER A 372 -0.68 7.62 12.00
N TRP A 373 0.18 6.82 11.39
CA TRP A 373 0.62 5.54 11.95
C TRP A 373 -0.53 4.56 12.14
N ASP A 374 -1.63 4.72 11.39
CA ASP A 374 -2.77 3.80 11.44
C ASP A 374 -2.56 2.73 10.37
N MET A 375 -1.63 1.83 10.66
CA MET A 375 -1.18 0.83 9.70
C MET A 375 -2.11 -0.39 9.76
N MET A 376 -2.71 -0.74 8.63
CA MET A 376 -3.49 -1.96 8.48
C MET A 376 -4.67 -1.99 9.45
N VAL A 377 -5.41 -0.88 9.50
CA VAL A 377 -6.58 -0.74 10.36
C VAL A 377 -7.87 -0.55 9.58
N HIS A 378 -7.80 -0.20 8.30
CA HIS A 378 -8.96 -0.03 7.44
C HIS A 378 -8.79 -0.84 6.17
N SER A 379 -9.85 -1.55 5.80
CA SER A 379 -9.91 -2.30 4.56
C SER A 379 -11.17 -1.88 3.82
N ARG A 380 -11.06 -1.71 2.49
CA ARG A 380 -12.15 -1.20 1.67
C ARG A 380 -12.39 -2.14 0.50
N SER A 381 -13.66 -2.23 0.08
CA SER A 381 -14.05 -3.07 -1.05
C SER A 381 -14.99 -2.27 -1.95
N HIS A 382 -14.47 -1.82 -3.09
CA HIS A 382 -15.27 -1.06 -4.04
C HIS A 382 -16.07 -2.00 -4.93
N GLN A 383 -17.31 -1.60 -5.23
CA GLN A 383 -18.22 -2.39 -6.05
C GLN A 383 -18.44 -1.80 -7.44
N HIS A 384 -18.52 -0.48 -7.56
CA HIS A 384 -18.80 0.14 -8.86
C HIS A 384 -18.33 1.58 -8.83
N VAL A 385 -17.98 2.09 -10.01
CA VAL A 385 -17.57 3.48 -10.18
C VAL A 385 -18.09 3.95 -11.54
N LYS A 386 -18.99 4.94 -11.54
CA LYS A 386 -19.59 5.47 -12.75
C LYS A 386 -19.22 6.95 -12.88
N ILE A 387 -18.74 7.33 -14.06
CA ILE A 387 -18.42 8.72 -14.38
C ILE A 387 -19.32 9.13 -15.53
N THR A 388 -20.22 10.09 -15.27
CA THR A 388 -21.12 10.63 -16.26
C THR A 388 -20.70 12.05 -16.59
N TYR A 389 -20.86 12.44 -17.86
CA TYR A 389 -20.54 13.78 -18.31
C TYR A 389 -21.65 14.31 -19.21
N ARG A 390 -21.98 15.59 -19.02
CA ARG A 390 -22.96 16.28 -19.83
C ARG A 390 -22.25 17.35 -20.66
N ASP A 391 -22.35 17.24 -21.97
CA ASP A 391 -21.72 18.22 -22.86
C ASP A 391 -22.40 19.58 -22.70
N GLY A 392 -21.59 20.63 -22.64
CA GLY A 392 -22.06 21.95 -22.34
C GLY A 392 -22.59 22.75 -23.51
N ARG A 393 -22.59 22.20 -24.72
CA ARG A 393 -23.07 22.88 -25.91
C ARG A 393 -24.36 22.26 -26.45
N THR A 394 -24.41 20.94 -26.54
CA THR A 394 -25.54 20.23 -27.14
C THR A 394 -26.48 19.63 -26.12
N GLY A 395 -25.99 19.29 -24.93
CA GLY A 395 -26.79 18.66 -23.90
C GLY A 395 -26.71 17.15 -23.87
N GLU A 396 -25.84 16.55 -24.67
CA GLU A 396 -25.72 15.10 -24.68
C GLU A 396 -25.15 14.60 -23.35
N LEU A 397 -25.52 13.37 -22.99
CA LEU A 397 -25.08 12.72 -21.77
C LEU A 397 -24.34 11.45 -22.14
N GLY A 398 -23.10 11.31 -21.63
CA GLY A 398 -22.28 10.16 -21.93
C GLY A 398 -21.57 9.67 -20.68
N TYR A 399 -20.89 8.53 -20.83
CA TYR A 399 -20.25 7.85 -19.72
C TYR A 399 -18.80 7.56 -20.07
N LEU A 400 -17.90 7.90 -19.14
CA LEU A 400 -16.47 7.65 -19.28
C LEU A 400 -16.07 6.37 -18.58
N ASN A 401 -14.92 5.84 -18.98
CA ASN A 401 -14.39 4.64 -18.34
C ASN A 401 -14.00 4.96 -16.90
N PRO A 402 -14.08 3.98 -15.97
CA PRO A 402 -13.83 4.32 -14.56
C PRO A 402 -12.47 4.91 -14.26
N GLY A 403 -11.40 4.42 -14.90
CA GLY A 403 -10.04 4.77 -14.53
C GLY A 403 -9.18 5.35 -15.63
N VAL A 404 -9.75 6.19 -16.49
CA VAL A 404 -9.02 6.71 -17.64
C VAL A 404 -8.10 7.83 -17.19
N PHE A 405 -6.94 7.92 -17.82
CA PHE A 405 -5.95 8.97 -17.55
C PHE A 405 -5.48 8.95 -16.10
N THR A 406 -5.36 7.76 -15.51
CA THR A 406 -4.94 7.63 -14.12
C THR A 406 -4.07 6.40 -13.96
N GLN A 407 -3.20 6.44 -12.95
CA GLN A 407 -2.28 5.35 -12.65
C GLN A 407 -2.49 4.72 -11.28
N SER A 408 -3.35 5.28 -10.44
CA SER A 408 -3.67 4.76 -9.12
C SER A 408 -5.18 4.65 -8.97
N ARG A 409 -5.60 4.12 -7.83
CA ARG A 409 -7.02 3.95 -7.51
C ARG A 409 -7.37 4.57 -6.15
N ARG A 410 -6.58 5.51 -5.66
CA ARG A 410 -6.85 6.18 -4.40
C ARG A 410 -7.72 7.42 -4.55
N TRP A 411 -8.10 7.79 -5.77
CA TRP A 411 -9.02 8.90 -5.98
C TRP A 411 -10.46 8.55 -5.65
N LYS A 412 -10.76 7.29 -5.36
CA LYS A 412 -12.11 6.84 -5.06
C LYS A 412 -12.47 7.01 -3.58
N ASP A 413 -11.54 7.50 -2.75
CA ASP A 413 -11.74 7.58 -1.31
C ASP A 413 -11.45 8.95 -0.72
N HIS A 414 -11.01 9.92 -1.52
CA HIS A 414 -10.65 11.25 -1.03
C HIS A 414 -11.28 12.32 -1.91
N ALA A 415 -11.84 13.34 -1.27
CA ALA A 415 -12.53 14.41 -2.01
C ALA A 415 -11.56 15.26 -2.82
N ASP A 416 -10.40 15.59 -2.24
CA ASP A 416 -9.46 16.47 -2.93
C ASP A 416 -8.91 15.82 -4.19
N MET A 417 -8.58 14.53 -4.12
CA MET A 417 -8.12 13.82 -5.31
C MET A 417 -9.22 13.76 -6.36
N LEU A 418 -10.47 13.60 -5.93
CA LEU A 418 -11.57 13.61 -6.87
C LEU A 418 -11.70 14.96 -7.56
N LYS A 419 -11.51 16.05 -6.81
CA LYS A 419 -11.57 17.38 -7.41
C LYS A 419 -10.46 17.57 -8.42
N GLN A 420 -9.24 17.14 -8.09
CA GLN A 420 -8.13 17.24 -9.04
C GLN A 420 -8.39 16.40 -10.28
N TYR A 421 -8.96 15.20 -10.11
CA TYR A 421 -9.31 14.36 -11.25
C TYR A 421 -10.35 15.02 -12.12
N ALA A 422 -11.35 15.66 -11.51
CA ALA A 422 -12.37 16.36 -12.26
C ALA A 422 -11.78 17.51 -13.07
N THR A 423 -10.87 18.27 -12.46
CA THR A 423 -10.23 19.36 -13.19
C THR A 423 -9.38 18.82 -14.35
N CYS A 424 -8.67 17.72 -14.12
CA CYS A 424 -7.87 17.10 -15.18
C CYS A 424 -8.76 16.68 -16.35
N LEU A 425 -9.88 16.02 -16.04
CA LEU A 425 -10.80 15.60 -17.09
C LEU A 425 -11.38 16.81 -17.82
N SER A 426 -11.71 17.86 -17.08
CA SER A 426 -12.28 19.05 -17.71
C SER A 426 -11.31 19.67 -18.69
N ARG A 427 -10.02 19.74 -18.33
CA ARG A 427 -9.06 20.33 -19.25
C ARG A 427 -8.69 19.41 -20.41
N LEU A 428 -8.77 18.08 -20.24
CA LEU A 428 -8.33 17.15 -21.27
C LEU A 428 -9.43 16.67 -22.21
N LEU A 429 -10.70 16.71 -21.78
CA LEU A 429 -11.78 16.21 -22.63
C LEU A 429 -11.92 16.91 -23.97
N PRO A 430 -11.73 18.23 -24.10
CA PRO A 430 -11.87 18.88 -25.42
C PRO A 430 -11.01 18.29 -26.53
N LYS A 431 -9.99 17.49 -26.22
CA LYS A 431 -9.26 16.79 -27.25
C LYS A 431 -10.08 15.70 -27.94
N TYR A 432 -11.25 15.34 -27.39
CA TYR A 432 -12.13 14.32 -27.94
C TYR A 432 -13.51 14.89 -28.27
N ASN A 433 -13.55 16.12 -28.80
CA ASN A 433 -14.77 16.72 -29.31
C ASN A 433 -15.86 16.85 -28.24
N VAL A 434 -15.47 17.27 -27.04
CA VAL A 434 -16.37 17.53 -25.94
C VAL A 434 -16.20 18.98 -25.49
N THR A 435 -17.30 19.72 -25.44
CA THR A 435 -17.25 21.11 -24.98
C THR A 435 -17.17 21.11 -23.45
N GLU A 436 -17.35 22.28 -22.84
CA GLU A 436 -17.19 22.45 -21.40
C GLU A 436 -18.10 21.48 -20.65
N PRO A 437 -17.58 20.42 -20.04
CA PRO A 437 -18.46 19.40 -19.47
C PRO A 437 -18.78 19.63 -18.00
N GLN A 438 -19.81 18.92 -17.53
CA GLN A 438 -20.12 18.78 -16.11
C GLN A 438 -19.96 17.31 -15.76
N ILE A 439 -19.17 17.02 -14.74
CA ILE A 439 -18.76 15.65 -14.40
C ILE A 439 -19.44 15.25 -13.10
N TYR A 440 -20.09 14.09 -13.10
CA TYR A 440 -20.77 13.52 -11.95
C TYR A 440 -20.15 12.17 -11.63
N PHE A 441 -20.03 11.86 -10.35
CA PHE A 441 -19.42 10.62 -9.88
C PHE A 441 -20.42 9.84 -9.03
N ASP A 442 -20.35 8.51 -9.16
CA ASP A 442 -21.17 7.59 -8.38
C ASP A 442 -20.31 6.40 -8.03
N ILE A 443 -19.89 6.31 -6.77
CA ILE A 443 -18.92 5.31 -6.33
C ILE A 443 -19.52 4.55 -5.15
N TRP A 444 -19.33 3.24 -5.14
CA TRP A 444 -19.86 2.35 -4.10
C TRP A 444 -18.69 1.68 -3.40
N VAL A 445 -18.61 1.86 -2.08
CA VAL A 445 -17.49 1.37 -1.29
C VAL A 445 -17.99 1.00 0.10
N SER A 446 -17.41 -0.05 0.67
CA SER A 446 -17.68 -0.48 2.02
C SER A 446 -16.37 -0.67 2.77
N ILE A 447 -16.34 -0.19 4.01
CA ILE A 447 -15.15 -0.25 4.87
C ILE A 447 -15.43 -1.28 5.96
N ASN A 448 -14.52 -2.25 6.10
CA ASN A 448 -14.60 -3.26 7.15
C ASN A 448 -15.90 -4.05 7.06
N ASP A 449 -16.24 -4.48 5.85
CA ASP A 449 -17.33 -5.43 5.59
C ASP A 449 -18.66 -4.90 6.10
N ARG A 450 -19.07 -3.75 5.55
CA ARG A 450 -20.37 -3.15 5.81
C ARG A 450 -21.18 -3.15 4.52
N PHE A 451 -22.38 -2.58 4.58
CA PHE A 451 -23.18 -2.39 3.38
C PHE A 451 -22.46 -1.46 2.41
N GLN A 452 -22.58 -1.76 1.12
CA GLN A 452 -22.09 -0.86 0.09
C GLN A 452 -22.96 0.39 0.06
N GLN A 453 -22.33 1.56 0.21
CA GLN A 453 -23.06 2.82 0.19
C GLN A 453 -22.27 3.84 -0.62
N ARG A 454 -22.98 4.86 -1.09
CA ARG A 454 -22.33 5.94 -1.82
C ARG A 454 -21.39 6.70 -0.90
N ILE A 455 -20.27 7.15 -1.49
CA ILE A 455 -19.27 7.93 -0.76
C ILE A 455 -19.37 9.40 -1.17
N PHE A 456 -19.86 9.67 -2.38
CA PHE A 456 -19.99 11.02 -2.91
C PHE A 456 -21.40 11.25 -3.44
N ASP A 457 -21.82 12.50 -3.41
CA ASP A 457 -23.16 12.88 -3.86
C ASP A 457 -23.26 12.65 -5.37
N PRO A 458 -24.21 11.85 -5.87
CA PRO A 458 -24.26 11.59 -7.31
C PRO A 458 -24.96 12.66 -8.14
N ARG A 459 -25.22 13.84 -7.57
CA ARG A 459 -25.94 14.91 -8.27
C ARG A 459 -25.16 16.22 -8.27
N VAL A 460 -23.87 16.21 -7.90
CA VAL A 460 -23.07 17.41 -7.72
C VAL A 460 -21.98 17.44 -8.77
N ASP A 461 -21.92 18.53 -9.54
CA ASP A 461 -20.85 18.73 -10.51
C ASP A 461 -19.55 19.00 -9.77
N ILE A 462 -18.65 18.03 -9.78
CA ILE A 462 -17.41 18.14 -9.01
C ILE A 462 -16.55 19.27 -9.56
N VAL A 463 -16.65 19.57 -10.84
CA VAL A 463 -15.82 20.63 -11.44
C VAL A 463 -16.18 21.98 -10.85
N GLN A 464 -17.47 22.24 -10.63
CA GLN A 464 -17.95 23.50 -10.07
C GLN A 464 -18.18 23.43 -8.56
N ALA A 465 -17.92 22.29 -7.93
CA ALA A 465 -18.13 22.17 -6.49
C ALA A 465 -17.08 22.98 -5.74
N ALA A 466 -17.40 23.30 -4.49
CA ALA A 466 -16.56 24.14 -3.64
C ALA A 466 -15.76 23.27 -2.69
N TRP A 467 -14.44 23.45 -2.69
CA TRP A 467 -13.54 22.71 -1.81
C TRP A 467 -12.39 23.62 -1.39
N SER A 468 -12.09 23.66 -0.10
CA SER A 468 -10.94 24.35 0.43
C SER A 468 -10.31 23.49 1.52
N PRO A 469 -9.00 23.67 1.80
CA PRO A 469 -8.33 22.76 2.74
C PRO A 469 -8.90 22.77 4.15
N PHE A 470 -9.40 23.91 4.63
CA PHE A 470 -9.78 24.09 6.02
C PHE A 470 -11.29 24.14 6.25
N GLN A 471 -12.10 23.78 5.26
CA GLN A 471 -13.55 23.80 5.37
C GLN A 471 -14.12 22.45 4.93
N ARG A 472 -15.08 21.95 5.68
CA ARG A 472 -15.65 20.64 5.41
C ARG A 472 -16.45 20.66 4.11
N THR A 473 -16.30 19.58 3.33
CA THR A 473 -17.03 19.44 2.09
C THR A 473 -18.48 19.06 2.36
N SER A 474 -19.39 19.61 1.56
CA SER A 474 -20.82 19.34 1.67
C SER A 474 -21.29 18.24 0.74
N TRP A 475 -20.40 17.60 -0.02
CA TRP A 475 -20.74 16.55 -0.97
C TRP A 475 -19.95 15.27 -0.68
N VAL A 476 -19.81 14.95 0.60
CA VAL A 476 -19.28 13.66 1.05
C VAL A 476 -20.32 13.05 1.97
N GLN A 477 -20.86 11.90 1.56
CA GLN A 477 -21.94 11.28 2.31
C GLN A 477 -21.42 10.75 3.65
N PRO A 478 -22.17 10.90 4.74
CA PRO A 478 -21.70 10.36 6.02
C PRO A 478 -21.71 8.84 6.04
N LEU A 479 -20.81 8.27 6.82
CA LEU A 479 -20.77 6.83 7.02
C LEU A 479 -21.87 6.45 8.00
N LEU A 480 -22.74 5.52 7.58
CA LEU A 480 -23.88 5.10 8.39
C LEU A 480 -23.43 3.98 9.31
N MET A 481 -23.06 4.34 10.54
CA MET A 481 -22.70 3.33 11.53
C MET A 481 -23.91 2.75 12.25
N ASP A 482 -25.12 3.29 12.01
CA ASP A 482 -26.32 2.70 12.57
C ASP A 482 -26.59 1.31 12.00
N LEU A 483 -26.05 1.00 10.83
CA LEU A 483 -26.13 -0.33 10.23
C LEU A 483 -24.93 -1.21 10.58
N SER A 484 -24.09 -0.77 11.52
CA SER A 484 -22.95 -1.58 11.94
C SER A 484 -23.33 -2.95 12.49
N PRO A 485 -24.25 -3.09 13.45
CA PRO A 485 -24.50 -4.42 14.03
C PRO A 485 -24.99 -5.44 13.03
N TRP A 486 -25.58 -5.00 11.91
CA TRP A 486 -25.99 -5.92 10.85
C TRP A 486 -24.84 -6.77 10.34
N ARG A 487 -23.58 -6.34 10.54
CA ARG A 487 -22.43 -7.11 10.10
C ARG A 487 -22.44 -8.51 10.69
N ALA A 488 -23.09 -8.73 11.84
CA ALA A 488 -23.28 -10.08 12.31
C ALA A 488 -24.12 -10.88 11.31
N LYS A 489 -25.38 -10.47 11.14
CA LYS A 489 -26.34 -11.31 10.41
C LYS A 489 -25.93 -11.50 8.96
N LEU A 490 -25.42 -10.44 8.31
CA LEU A 490 -24.97 -10.54 6.93
C LEU A 490 -23.98 -11.68 6.75
N GLN A 491 -23.06 -11.84 7.70
CA GLN A 491 -22.06 -12.89 7.57
C GLN A 491 -22.72 -14.26 7.53
N GLU A 492 -23.76 -14.45 8.36
CA GLU A 492 -24.49 -15.71 8.32
C GLU A 492 -25.08 -15.96 6.95
N ILE A 493 -25.64 -14.92 6.32
CA ILE A 493 -26.22 -15.08 4.99
C ILE A 493 -25.13 -15.47 4.00
N LYS A 494 -23.90 -14.98 4.20
CA LYS A 494 -22.81 -15.35 3.31
C LYS A 494 -22.46 -16.83 3.42
N SER A 495 -22.77 -17.49 4.54
CA SER A 495 -22.35 -18.86 4.78
C SER A 495 -23.40 -19.89 4.39
N SER A 496 -24.59 -19.46 3.99
CA SER A 496 -25.69 -20.37 3.66
C SER A 496 -25.89 -20.55 2.15
N LEU A 497 -24.99 -20.02 1.33
CA LEU A 497 -25.13 -20.05 -0.11
C LEU A 497 -24.27 -21.17 -0.71
N ASP A 498 -24.60 -21.55 -1.93
CA ASP A 498 -23.92 -22.65 -2.62
C ASP A 498 -22.66 -22.12 -3.29
N ASN A 499 -22.02 -22.96 -4.10
CA ASN A 499 -20.77 -22.59 -4.77
C ASN A 499 -20.98 -21.67 -5.96
N HIS A 500 -22.21 -21.48 -6.43
CA HIS A 500 -22.52 -20.64 -7.58
C HIS A 500 -23.21 -19.34 -7.20
N THR A 501 -24.12 -19.38 -6.23
CA THR A 501 -24.83 -18.17 -5.82
C THR A 501 -23.88 -17.15 -5.24
N GLU A 502 -24.16 -15.88 -5.49
CA GLU A 502 -23.40 -14.75 -4.98
C GLU A 502 -24.37 -13.68 -4.51
N VAL A 503 -23.94 -12.90 -3.51
CA VAL A 503 -24.78 -11.93 -2.84
C VAL A 503 -24.05 -10.61 -2.74
N VAL A 504 -24.76 -9.52 -3.00
CA VAL A 504 -24.23 -8.15 -2.91
C VAL A 504 -25.21 -7.34 -2.07
N PHE A 505 -24.70 -6.75 -0.98
CA PHE A 505 -25.52 -5.96 -0.06
C PHE A 505 -25.39 -4.48 -0.40
N ILE A 506 -26.52 -3.77 -0.39
CA ILE A 506 -26.58 -2.36 -0.73
C ILE A 506 -27.36 -1.62 0.35
N ALA A 507 -26.87 -0.45 0.73
CA ALA A 507 -27.56 0.46 1.63
C ALA A 507 -27.63 1.82 0.95
N ASP A 508 -28.85 2.35 0.80
CA ASP A 508 -29.12 3.50 -0.04
C ASP A 508 -29.81 4.58 0.77
N PHE A 509 -29.50 5.83 0.41
CA PHE A 509 -30.03 7.01 1.09
C PHE A 509 -31.43 7.33 0.60
N PRO A 510 -32.20 8.12 1.35
CA PRO A 510 -33.55 8.48 0.90
C PRO A 510 -33.51 9.45 -0.28
N GLY A 511 -34.38 9.19 -1.24
CA GLY A 511 -34.53 10.03 -2.42
C GLY A 511 -33.68 9.59 -3.59
N LEU A 512 -32.44 9.17 -3.33
CA LEU A 512 -31.58 8.70 -4.39
C LEU A 512 -32.08 7.36 -4.91
N HIS A 513 -31.77 7.08 -6.18
CA HIS A 513 -32.18 5.85 -6.84
C HIS A 513 -31.01 5.24 -7.58
N LEU A 514 -31.01 3.92 -7.67
CA LEU A 514 -29.95 3.16 -8.31
C LEU A 514 -30.50 2.49 -9.56
N GLU A 515 -29.84 2.74 -10.70
CA GLU A 515 -30.21 2.17 -11.99
C GLU A 515 -29.19 1.09 -12.34
N ASN A 516 -29.68 -0.12 -12.63
CA ASN A 516 -28.84 -1.27 -12.87
C ASN A 516 -29.31 -2.03 -14.10
N PHE A 517 -28.37 -2.70 -14.76
CA PHE A 517 -28.64 -3.51 -15.94
C PHE A 517 -28.13 -4.92 -15.68
N VAL A 518 -29.06 -5.87 -15.52
CA VAL A 518 -28.67 -7.27 -15.33
C VAL A 518 -28.22 -7.83 -16.67
N SER A 519 -27.03 -8.42 -16.68
CA SER A 519 -26.49 -8.95 -17.93
C SER A 519 -27.28 -10.16 -18.39
N GLU A 520 -27.18 -10.46 -19.69
CA GLU A 520 -27.93 -11.58 -20.26
C GLU A 520 -27.48 -12.91 -19.69
N ASP A 521 -26.20 -13.03 -19.32
CA ASP A 521 -25.72 -14.28 -18.77
C ASP A 521 -26.35 -14.58 -17.41
N LEU A 522 -26.50 -13.56 -16.56
CA LEU A 522 -26.94 -13.75 -15.18
C LEU A 522 -28.46 -13.91 -15.15
N GLY A 523 -28.91 -15.13 -15.42
CA GLY A 523 -30.27 -15.49 -15.12
C GLY A 523 -30.47 -15.84 -13.66
N ASN A 524 -31.73 -15.89 -13.24
CA ASN A 524 -32.10 -16.25 -11.87
C ASN A 524 -31.48 -15.26 -10.87
N THR A 525 -31.87 -13.99 -11.03
CA THR A 525 -31.44 -12.90 -10.16
C THR A 525 -32.64 -12.43 -9.34
N SER A 526 -32.43 -12.25 -8.04
CA SER A 526 -33.49 -11.87 -7.11
C SER A 526 -33.05 -10.71 -6.24
N ILE A 527 -34.03 -9.89 -5.87
CA ILE A 527 -33.82 -8.73 -5.00
C ILE A 527 -34.70 -8.88 -3.77
N GLN A 528 -34.11 -8.70 -2.59
CA GLN A 528 -34.79 -8.84 -1.31
C GLN A 528 -34.49 -7.62 -0.46
N LEU A 529 -35.48 -7.18 0.31
CA LEU A 529 -35.36 -6.00 1.15
C LEU A 529 -35.17 -6.44 2.60
N LEU A 530 -34.12 -5.92 3.24
CA LEU A 530 -33.79 -6.24 4.62
C LEU A 530 -34.32 -5.20 5.60
N GLN A 531 -34.22 -3.91 5.28
CA GLN A 531 -34.75 -2.87 6.15
C GLN A 531 -35.19 -1.70 5.30
N GLY A 532 -36.32 -1.10 5.66
CA GLY A 532 -36.83 0.07 4.98
C GLY A 532 -37.94 -0.26 4.00
N GLU A 533 -38.17 0.68 3.08
CA GLU A 533 -39.18 0.53 2.05
C GLU A 533 -38.66 1.13 0.75
N VAL A 534 -38.66 0.32 -0.31
CA VAL A 534 -38.19 0.74 -1.63
C VAL A 534 -39.25 0.40 -2.66
N THR A 535 -39.08 0.96 -3.86
CA THR A 535 -39.90 0.63 -5.01
C THR A 535 -38.99 0.24 -6.15
N VAL A 536 -39.23 -0.95 -6.71
CA VAL A 536 -38.43 -1.49 -7.81
C VAL A 536 -39.23 -1.33 -9.08
N GLU A 537 -38.64 -0.64 -10.06
CA GLU A 537 -39.28 -0.27 -11.31
C GLU A 537 -38.61 -0.99 -12.47
N LEU A 538 -39.42 -1.71 -13.26
CA LEU A 538 -38.99 -2.24 -14.54
C LEU A 538 -39.37 -1.24 -15.63
N VAL A 539 -38.37 -0.80 -16.39
CA VAL A 539 -38.56 0.25 -17.40
C VAL A 539 -39.06 -0.28 -18.73
N ALA A 540 -38.98 -1.59 -18.98
CA ALA A 540 -39.45 -2.14 -20.25
C ALA A 540 -40.95 -1.92 -20.41
N GLU A 541 -41.72 -2.09 -19.33
CA GLU A 541 -43.17 -1.84 -19.34
C GLU A 541 -43.56 -0.72 -18.39
N GLN A 542 -42.60 -0.04 -17.77
CA GLN A 542 -42.87 1.10 -16.88
C GLN A 542 -43.79 0.68 -15.73
N LYS A 543 -43.38 -0.37 -15.02
CA LYS A 543 -44.18 -0.97 -13.95
C LYS A 543 -43.32 -1.08 -12.69
N ASN A 544 -43.80 -0.52 -11.58
CA ASN A 544 -43.06 -0.54 -10.33
C ASN A 544 -43.87 -1.22 -9.23
N GLN A 545 -43.17 -1.96 -8.38
CA GLN A 545 -43.74 -2.61 -7.21
C GLN A 545 -43.10 -2.06 -5.95
N THR A 546 -43.93 -1.79 -4.95
CA THR A 546 -43.48 -1.27 -3.66
C THR A 546 -43.24 -2.43 -2.71
N LEU A 547 -41.99 -2.62 -2.30
CA LEU A 547 -41.59 -3.79 -1.53
C LEU A 547 -41.52 -3.45 -0.05
N ARG A 548 -41.92 -4.41 0.78
CA ARG A 548 -41.85 -4.34 2.23
C ARG A 548 -40.76 -5.28 2.73
N GLU A 549 -40.53 -5.27 4.04
CA GLU A 549 -39.48 -6.10 4.61
C GLU A 549 -39.79 -7.57 4.42
N GLY A 550 -38.76 -8.35 4.13
CA GLY A 550 -38.92 -9.77 3.91
C GLY A 550 -39.75 -10.13 2.70
N GLU A 551 -39.63 -9.37 1.62
CA GLU A 551 -40.25 -9.67 0.34
C GLU A 551 -39.18 -9.77 -0.73
N LYS A 552 -39.41 -10.66 -1.69
CA LYS A 552 -38.44 -11.00 -2.72
C LYS A 552 -39.09 -10.85 -4.09
N MET A 553 -38.29 -10.38 -5.05
CA MET A 553 -38.73 -10.23 -6.44
C MET A 553 -37.71 -10.85 -7.36
N GLN A 554 -38.19 -11.49 -8.42
CA GLN A 554 -37.36 -12.17 -9.41
C GLN A 554 -37.24 -11.25 -10.62
N LEU A 555 -36.08 -10.59 -10.74
CA LEU A 555 -35.92 -9.51 -11.70
C LEU A 555 -35.71 -10.06 -13.12
N PRO A 556 -35.94 -9.24 -14.15
CA PRO A 556 -35.55 -9.65 -15.50
C PRO A 556 -34.05 -9.70 -15.66
N ALA A 557 -33.61 -10.54 -16.59
CA ALA A 557 -32.21 -10.63 -16.98
C ALA A 557 -32.08 -10.14 -18.42
N GLY A 558 -31.24 -9.14 -18.63
CA GLY A 558 -31.01 -8.55 -19.94
C GLY A 558 -31.65 -7.20 -20.16
N GLU A 559 -32.29 -6.61 -19.14
CA GLU A 559 -32.94 -5.31 -19.24
C GLU A 559 -32.47 -4.45 -18.07
N TYR A 560 -32.99 -3.22 -18.01
CA TYR A 560 -32.69 -2.29 -16.93
C TYR A 560 -33.78 -2.35 -15.87
N HIS A 561 -33.38 -2.19 -14.61
CA HIS A 561 -34.33 -1.90 -13.54
C HIS A 561 -33.77 -0.75 -12.71
N LYS A 562 -34.66 -0.14 -11.93
CA LYS A 562 -34.31 0.93 -11.01
C LYS A 562 -34.86 0.59 -9.64
N VAL A 563 -34.15 1.02 -8.59
CA VAL A 563 -34.63 0.90 -7.21
C VAL A 563 -34.61 2.29 -6.60
N TYR A 564 -35.79 2.76 -6.17
CA TYR A 564 -35.97 4.05 -5.54
C TYR A 564 -36.20 3.86 -4.05
N THR A 565 -35.54 4.68 -3.23
CA THR A 565 -35.75 4.70 -1.80
C THR A 565 -36.69 5.86 -1.48
N THR A 566 -37.80 5.55 -0.80
CA THR A 566 -38.89 6.50 -0.53
C THR A 566 -39.33 6.42 0.92
N SER A 567 -38.37 6.42 1.83
CA SER A 567 -38.59 6.33 3.27
C SER A 567 -37.86 7.46 3.96
N PRO A 568 -38.25 7.83 5.20
CA PRO A 568 -37.50 8.86 5.91
C PRO A 568 -36.06 8.49 6.22
N SER A 569 -35.72 7.21 6.24
CA SER A 569 -34.42 6.70 6.64
C SER A 569 -33.82 5.84 5.54
N PRO A 570 -32.50 5.57 5.58
CA PRO A 570 -31.89 4.73 4.54
C PRO A 570 -32.47 3.32 4.52
N SER A 571 -32.42 2.71 3.35
CA SER A 571 -32.96 1.36 3.13
C SER A 571 -31.82 0.41 2.76
N CYS A 572 -31.87 -0.79 3.32
CA CYS A 572 -30.87 -1.83 3.08
C CYS A 572 -31.53 -3.02 2.40
N TYR A 573 -30.96 -3.43 1.27
CA TYR A 573 -31.46 -4.57 0.50
C TYR A 573 -30.27 -5.35 -0.05
N MET A 574 -30.57 -6.43 -0.78
CA MET A 574 -29.54 -7.37 -1.22
C MET A 574 -29.94 -7.95 -2.57
N TYR A 575 -28.92 -8.15 -3.42
CA TYR A 575 -29.06 -8.81 -4.71
C TYR A 575 -28.44 -10.20 -4.62
N VAL A 576 -29.21 -11.22 -4.96
CA VAL A 576 -28.75 -12.61 -4.96
C VAL A 576 -28.86 -13.11 -6.40
N TYR A 577 -27.76 -13.62 -6.93
CA TYR A 577 -27.73 -14.03 -8.33
C TYR A 577 -26.84 -15.25 -8.52
N VAL A 578 -27.07 -15.96 -9.62
CA VAL A 578 -26.21 -17.06 -10.05
C VAL A 578 -25.97 -16.90 -11.54
N ASN A 579 -24.72 -17.03 -11.97
CA ASN A 579 -24.34 -16.90 -13.37
C ASN A 579 -24.79 -18.16 -14.10
N THR A 580 -25.92 -18.08 -14.80
CA THR A 580 -26.46 -19.24 -15.48
C THR A 580 -25.53 -19.72 -16.59
N THR A 581 -24.89 -18.78 -17.30
CA THR A 581 -23.96 -19.16 -18.35
C THR A 581 -22.77 -19.94 -17.78
N GLU A 582 -22.24 -19.48 -16.64
CA GLU A 582 -21.14 -20.19 -16.00
C GLU A 582 -21.57 -21.58 -15.56
N LEU A 583 -22.78 -21.71 -15.02
CA LEU A 583 -23.27 -23.01 -14.59
C LEU A 583 -23.41 -23.95 -15.79
N ALA A 584 -23.96 -23.45 -16.90
CA ALA A 584 -24.09 -24.28 -18.10
C ALA A 584 -22.73 -24.71 -18.63
N LEU A 585 -21.77 -23.79 -18.68
CA LEU A 585 -20.44 -24.14 -19.16
C LEU A 585 -19.79 -25.17 -18.25
N GLU A 586 -19.96 -25.01 -16.94
CA GLU A 586 -19.39 -25.98 -16.00
C GLU A 586 -20.03 -27.35 -16.16
N GLN A 587 -21.35 -27.39 -16.34
CA GLN A 587 -22.02 -28.68 -16.53
C GLN A 587 -21.56 -29.36 -17.82
N ASP A 588 -21.45 -28.59 -18.91
CA ASP A 588 -21.00 -29.18 -20.16
C ASP A 588 -19.56 -29.67 -20.05
N LEU A 589 -18.70 -28.90 -19.38
CA LEU A 589 -17.31 -29.31 -19.20
C LEU A 589 -17.24 -30.58 -18.36
N ALA A 590 -18.05 -30.65 -17.31
CA ALA A 590 -18.08 -31.85 -16.48
C ALA A 590 -18.54 -33.07 -17.27
N TYR A 591 -19.56 -32.89 -18.13
CA TYR A 591 -20.02 -33.97 -18.97
C TYR A 591 -18.92 -34.44 -19.92
N LEU A 592 -18.22 -33.49 -20.54
CA LEU A 592 -17.13 -33.87 -21.45
C LEU A 592 -16.01 -34.59 -20.70
N GLN A 593 -15.68 -34.11 -19.50
CA GLN A 593 -14.65 -34.78 -18.70
C GLN A 593 -15.08 -36.18 -18.32
N GLU A 594 -16.36 -36.36 -17.97
CA GLU A 594 -16.86 -37.68 -17.65
C GLU A 594 -16.75 -38.62 -18.85
N LEU A 595 -17.11 -38.13 -20.04
CA LEU A 595 -16.99 -38.94 -21.24
C LEU A 595 -15.53 -39.31 -21.50
N LYS A 596 -14.62 -38.35 -21.33
CA LYS A 596 -13.20 -38.61 -21.53
C LYS A 596 -12.70 -39.67 -20.55
N GLU A 597 -13.10 -39.57 -19.28
CA GLU A 597 -12.69 -40.55 -18.29
C GLU A 597 -13.26 -41.92 -18.61
N LYS A 598 -14.52 -41.99 -19.04
CA LYS A 598 -15.11 -43.26 -19.41
C LYS A 598 -14.38 -43.90 -20.58
N VAL A 599 -14.00 -43.11 -21.58
CA VAL A 599 -13.23 -43.64 -22.70
C VAL A 599 -11.87 -44.12 -22.22
N GLU A 600 -11.23 -43.36 -21.33
CA GLU A 600 -9.88 -43.72 -20.88
C GLU A 600 -9.87 -45.00 -20.07
N ASN A 601 -10.84 -45.17 -19.16
CA ASN A 601 -10.83 -46.32 -18.26
C ASN A 601 -11.32 -47.60 -18.92
N GLY A 602 -11.61 -47.60 -20.23
CA GLY A 602 -12.00 -48.78 -20.96
C GLY A 602 -13.47 -48.85 -21.31
N SER A 603 -14.32 -48.09 -20.60
CA SER A 603 -15.73 -48.05 -20.95
C SER A 603 -15.93 -47.28 -22.25
N GLU A 604 -17.14 -47.36 -22.79
CA GLU A 604 -17.48 -46.75 -24.08
C GLU A 604 -16.57 -47.29 -25.19
N THR A 605 -16.66 -48.60 -25.40
CA THR A 605 -15.81 -49.27 -26.38
C THR A 605 -16.06 -48.80 -27.81
N GLY A 606 -17.21 -48.20 -28.08
CA GLY A 606 -17.53 -47.73 -29.41
C GLY A 606 -16.59 -46.64 -29.88
N PRO A 607 -16.60 -46.35 -31.18
CA PRO A 607 -15.66 -45.34 -31.72
C PRO A 607 -15.92 -43.97 -31.12
N LEU A 608 -14.83 -43.25 -30.86
CA LEU A 608 -14.94 -41.92 -30.28
C LEU A 608 -15.54 -40.95 -31.30
N PRO A 609 -16.24 -39.90 -30.84
CA PRO A 609 -16.71 -38.89 -31.78
C PRO A 609 -15.55 -38.19 -32.45
N PRO A 610 -15.75 -37.66 -33.67
CA PRO A 610 -14.65 -36.91 -34.31
C PRO A 610 -14.20 -35.70 -33.51
N GLU A 611 -15.13 -35.01 -32.84
CA GLU A 611 -14.74 -33.86 -32.02
C GLU A 611 -13.94 -34.30 -30.80
N LEU A 612 -14.17 -35.51 -30.30
CA LEU A 612 -13.40 -36.01 -29.16
C LEU A 612 -11.98 -36.40 -29.55
N GLN A 613 -11.71 -36.62 -30.85
CA GLN A 613 -10.36 -37.02 -31.28
C GLN A 613 -9.30 -35.97 -30.93
N PRO A 614 -9.52 -34.67 -31.18
CA PRO A 614 -8.54 -33.67 -30.70
C PRO A 614 -8.28 -33.73 -29.20
N LEU A 615 -9.28 -34.04 -28.39
CA LEU A 615 -9.08 -34.06 -26.94
C LEU A 615 -8.08 -35.14 -26.53
N LEU A 616 -8.27 -36.36 -27.02
CA LEU A 616 -7.32 -37.42 -26.72
C LEU A 616 -5.97 -37.16 -27.37
N GLU A 617 -5.97 -36.71 -28.63
CA GLU A 617 -4.72 -36.37 -29.29
C GLU A 617 -4.02 -35.21 -28.59
N GLY A 618 -4.79 -34.20 -28.17
CA GLY A 618 -4.25 -33.03 -27.51
C GLY A 618 -3.67 -31.98 -28.44
N GLU A 619 -3.64 -32.22 -29.75
CA GLU A 619 -3.14 -31.26 -30.72
C GLU A 619 -4.01 -31.32 -31.97
N VAL A 620 -4.49 -30.17 -32.41
CA VAL A 620 -5.33 -30.07 -33.60
C VAL A 620 -4.39 -29.81 -34.78
N LYS A 621 -3.92 -30.90 -35.39
CA LYS A 621 -3.03 -30.85 -36.54
C LYS A 621 -3.61 -31.72 -37.65
N GLY A 622 -3.70 -31.16 -38.85
CA GLY A 622 -4.30 -31.89 -39.96
C GLY A 622 -5.75 -32.23 -39.75
N GLY A 623 -6.54 -31.27 -39.27
CA GLY A 623 -7.94 -31.50 -39.03
C GLY A 623 -8.71 -30.21 -38.82
N PRO A 624 -10.03 -30.30 -38.68
CA PRO A 624 -10.83 -29.09 -38.46
C PRO A 624 -10.50 -28.43 -37.13
N GLU A 625 -10.68 -27.11 -37.09
CA GLU A 625 -10.36 -26.36 -35.89
C GLU A 625 -11.27 -26.81 -34.73
N PRO A 626 -10.76 -26.86 -33.50
CA PRO A 626 -11.58 -27.35 -32.40
C PRO A 626 -12.71 -26.40 -32.05
N THR A 627 -13.77 -26.96 -31.49
CA THR A 627 -14.89 -26.15 -31.03
C THR A 627 -14.44 -25.32 -29.82
N PRO A 628 -15.17 -24.26 -29.49
CA PRO A 628 -14.79 -23.47 -28.29
C PRO A 628 -14.78 -24.29 -27.01
N LEU A 629 -15.66 -25.27 -26.88
CA LEU A 629 -15.65 -26.13 -25.70
C LEU A 629 -14.35 -26.92 -25.61
N VAL A 630 -13.88 -27.46 -26.73
CA VAL A 630 -12.63 -28.20 -26.74
C VAL A 630 -11.47 -27.29 -26.40
N GLN A 631 -11.47 -26.06 -26.94
CA GLN A 631 -10.43 -25.10 -26.61
C GLN A 631 -10.43 -24.79 -25.12
N THR A 632 -11.61 -24.59 -24.53
CA THR A 632 -11.69 -24.30 -23.10
C THR A 632 -11.17 -25.48 -22.28
N PHE A 633 -11.54 -26.70 -22.68
CA PHE A 633 -11.07 -27.88 -21.94
C PHE A 633 -9.56 -28.00 -21.99
N LEU A 634 -8.98 -27.85 -23.19
CA LEU A 634 -7.53 -27.93 -23.32
C LEU A 634 -6.83 -26.82 -22.54
N ARG A 635 -7.38 -25.60 -22.57
CA ARG A 635 -6.80 -24.51 -21.83
C ARG A 635 -6.85 -24.77 -20.33
N ARG A 636 -7.97 -25.30 -19.83
CA ARG A 636 -8.07 -25.61 -18.41
C ARG A 636 -7.06 -26.68 -18.02
N GLN A 637 -6.92 -27.72 -18.85
CA GLN A 637 -5.95 -28.78 -18.55
C GLN A 637 -4.52 -28.22 -18.53
N GLN A 638 -4.20 -27.38 -19.52
CA GLN A 638 -2.85 -26.79 -19.57
C GLN A 638 -2.59 -25.92 -18.35
N ARG A 639 -3.57 -25.10 -17.96
CA ARG A 639 -3.41 -24.25 -16.78
C ARG A 639 -3.23 -25.10 -15.53
N LEU A 640 -4.00 -26.18 -15.40
CA LEU A 640 -3.86 -27.06 -14.24
C LEU A 640 -2.46 -27.69 -14.20
N GLN A 641 -1.98 -28.15 -15.35
CA GLN A 641 -0.64 -28.73 -15.40
C GLN A 641 0.43 -27.70 -15.04
N GLU A 642 0.28 -26.48 -15.54
CA GLU A 642 1.24 -25.43 -15.22
C GLU A 642 1.24 -25.12 -13.72
N ILE A 643 0.05 -25.02 -13.12
CA ILE A 643 -0.03 -24.77 -11.69
C ILE A 643 0.58 -25.91 -10.90
N GLU A 644 0.33 -27.15 -11.33
CA GLU A 644 0.90 -28.30 -10.64
C GLU A 644 2.43 -28.29 -10.72
N ARG A 645 2.97 -27.95 -11.89
CA ARG A 645 4.42 -27.85 -12.03
C ARG A 645 4.97 -26.74 -11.13
N ARG A 646 4.26 -25.61 -11.06
CA ARG A 646 4.71 -24.49 -10.23
C ARG A 646 4.74 -24.89 -8.75
N ARG A 647 3.69 -25.55 -8.27
CA ARG A 647 3.62 -25.90 -6.86
C ARG A 647 4.73 -26.87 -6.47
N ASN A 648 4.99 -27.87 -7.31
CA ASN A 648 6.02 -28.87 -7.05
C ASN A 648 7.37 -28.38 -7.59
N THR A 649 7.82 -27.27 -7.01
CA THR A 649 9.04 -26.58 -7.42
C THR A 649 10.00 -26.53 -6.23
N PRO A 650 11.26 -26.99 -6.37
CA PRO A 650 12.16 -26.97 -5.21
C PRO A 650 12.51 -25.55 -4.79
N PHE A 651 12.87 -25.41 -3.51
CA PHE A 651 13.11 -24.09 -2.94
C PHE A 651 14.31 -23.41 -3.59
N HIS A 652 15.35 -24.19 -3.92
CA HIS A 652 16.55 -23.60 -4.51
C HIS A 652 16.24 -22.95 -5.87
N GLU A 653 15.39 -23.59 -6.67
CA GLU A 653 15.00 -22.98 -7.94
C GLU A 653 14.28 -21.66 -7.73
N ARG A 654 13.36 -21.61 -6.75
CA ARG A 654 12.64 -20.37 -6.47
C ARG A 654 13.59 -19.27 -6.01
N PHE A 655 14.53 -19.62 -5.14
CA PHE A 655 15.49 -18.63 -4.67
C PHE A 655 16.36 -18.12 -5.81
N PHE A 656 16.78 -19.01 -6.70
CA PHE A 656 17.58 -18.60 -7.85
C PHE A 656 16.79 -17.66 -8.76
N ARG A 657 15.53 -17.98 -9.00
CA ARG A 657 14.69 -17.09 -9.82
C ARG A 657 14.52 -15.74 -9.17
N PHE A 658 14.35 -15.72 -7.84
CA PHE A 658 14.23 -14.46 -7.11
C PHE A 658 15.48 -13.60 -7.28
N LEU A 659 16.65 -14.21 -7.10
CA LEU A 659 17.90 -13.48 -7.25
C LEU A 659 18.07 -12.97 -8.67
N LEU A 660 17.76 -13.80 -9.66
CA LEU A 660 17.89 -13.36 -11.05
C LEU A 660 16.96 -12.20 -11.36
N ARG A 661 15.73 -12.24 -10.85
CA ARG A 661 14.79 -11.15 -11.10
C ARG A 661 15.28 -9.86 -10.47
N LYS A 662 15.79 -9.93 -9.24
CA LYS A 662 16.30 -8.71 -8.60
C LYS A 662 17.51 -8.17 -9.35
N LEU A 663 18.40 -9.06 -9.82
CA LEU A 663 19.54 -8.62 -10.61
C LEU A 663 19.07 -7.93 -11.88
N TYR A 664 18.03 -8.46 -12.52
CA TYR A 664 17.49 -7.81 -13.71
C TYR A 664 16.98 -6.42 -13.39
N VAL A 665 16.29 -6.26 -12.26
CA VAL A 665 15.76 -4.95 -11.89
C VAL A 665 16.90 -3.95 -11.70
N PHE A 666 17.94 -4.35 -10.96
CA PHE A 666 19.07 -3.46 -10.72
C PHE A 666 19.78 -3.10 -12.02
N ARG A 667 20.00 -4.08 -12.90
CA ARG A 667 20.68 -3.82 -14.16
C ARG A 667 19.86 -2.87 -15.03
N ARG A 668 18.55 -3.07 -15.11
CA ARG A 668 17.70 -2.19 -15.90
C ARG A 668 17.76 -0.77 -15.36
N SER A 669 17.69 -0.61 -14.03
CA SER A 669 17.77 0.72 -13.45
C SER A 669 19.08 1.41 -13.82
N PHE A 670 20.20 0.71 -13.65
CA PHE A 670 21.50 1.33 -13.93
C PHE A 670 21.64 1.68 -15.41
N LEU A 671 21.24 0.78 -16.31
CA LEU A 671 21.39 1.06 -17.73
C LEU A 671 20.51 2.22 -18.17
N MET A 672 19.26 2.28 -17.69
CA MET A 672 18.40 3.39 -18.05
C MET A 672 18.96 4.70 -17.52
N THR A 673 19.48 4.69 -16.29
CA THR A 673 20.08 5.93 -15.75
C THR A 673 21.27 6.37 -16.60
N CYS A 674 22.10 5.42 -17.02
CA CYS A 674 23.25 5.77 -17.85
C CYS A 674 22.81 6.38 -19.18
N ILE A 675 21.79 5.78 -19.81
CA ILE A 675 21.31 6.31 -21.09
C ILE A 675 20.76 7.72 -20.89
N SER A 676 20.00 7.93 -19.82
CA SER A 676 19.44 9.25 -19.55
C SER A 676 20.53 10.29 -19.32
N LEU A 677 21.56 9.94 -18.54
CA LEU A 677 22.64 10.89 -18.27
C LEU A 677 23.41 11.22 -19.55
N ARG A 678 23.66 10.21 -20.39
CA ARG A 678 24.34 10.48 -21.66
C ARG A 678 23.50 11.43 -22.52
N ASN A 679 22.20 11.19 -22.60
CA ASN A 679 21.32 12.08 -23.37
C ASN A 679 21.35 13.50 -22.81
N LEU A 680 21.35 13.62 -21.49
CA LEU A 680 21.33 14.95 -20.88
C LEU A 680 22.62 15.70 -21.15
N ILE A 681 23.77 15.02 -21.08
CA ILE A 681 25.05 15.71 -21.19
C ILE A 681 25.40 15.97 -22.65
N LEU A 682 25.54 14.92 -23.45
CA LEU A 682 26.09 15.05 -24.80
C LEU A 682 25.03 15.26 -25.88
N GLY A 683 23.75 15.28 -25.52
CA GLY A 683 22.68 15.38 -26.50
C GLY A 683 22.18 14.02 -26.94
N ARG A 684 21.31 14.05 -27.94
CA ARG A 684 20.59 12.86 -28.38
C ARG A 684 21.25 12.28 -29.63
N PRO A 685 21.77 11.03 -29.60
CA PRO A 685 22.21 10.40 -30.86
C PRO A 685 21.06 9.94 -31.72
N SER A 686 21.39 9.21 -32.79
CA SER A 686 20.40 8.79 -33.77
C SER A 686 19.31 7.93 -33.15
N LEU A 687 18.11 8.02 -33.72
CA LEU A 687 16.94 7.35 -33.15
C LEU A 687 17.11 5.83 -33.14
N GLU A 688 17.67 5.28 -34.21
CA GLU A 688 17.89 3.83 -34.27
C GLU A 688 18.85 3.38 -33.18
N GLN A 689 19.88 4.19 -32.91
CA GLN A 689 20.78 3.89 -31.80
C GLN A 689 20.02 3.87 -30.47
N LEU A 690 19.10 4.82 -30.28
CA LEU A 690 18.31 4.83 -29.06
C LEU A 690 17.45 3.57 -28.95
N ALA A 691 16.84 3.15 -30.05
CA ALA A 691 16.02 1.94 -30.02
C ALA A 691 16.87 0.72 -29.69
N GLN A 692 18.06 0.63 -30.29
CA GLN A 692 18.95 -0.48 -29.99
C GLN A 692 19.39 -0.48 -28.54
N GLU A 693 19.71 0.69 -28.00
CA GLU A 693 20.13 0.78 -26.60
C GLU A 693 18.99 0.41 -25.66
N VAL A 694 17.77 0.86 -25.96
CA VAL A 694 16.62 0.50 -25.12
C VAL A 694 16.38 -1.00 -25.17
N THR A 695 16.52 -1.60 -26.35
CA THR A 695 16.41 -3.06 -26.45
C THR A 695 17.49 -3.75 -25.63
N TYR A 696 18.72 -3.21 -25.66
CA TYR A 696 19.82 -3.81 -24.92
C TYR A 696 19.58 -3.73 -23.42
N ALA A 697 19.06 -2.60 -22.94
CA ALA A 697 18.85 -2.42 -21.50
C ALA A 697 17.81 -3.40 -20.97
N ASN A 698 16.71 -3.59 -21.69
CA ASN A 698 15.62 -4.44 -21.23
C ASN A 698 15.95 -5.92 -21.32
N LEU A 699 17.08 -6.30 -21.91
CA LEU A 699 17.40 -7.72 -22.10
C LEU A 699 17.50 -8.44 -20.76
N ARG A 700 16.90 -9.62 -20.70
CA ARG A 700 16.97 -10.44 -19.51
C ARG A 700 18.41 -10.94 -19.32
N PRO A 701 18.92 -11.04 -18.06
CA PRO A 701 20.33 -11.39 -17.89
C PRO A 701 20.71 -12.75 -18.45
N PHE A 702 19.99 -13.80 -18.03
CA PHE A 702 20.33 -15.17 -18.40
C PHE A 702 21.79 -15.50 -18.08
N THR B 1 -10.89 3.39 -25.59
CA THR B 1 -11.70 3.00 -24.45
C THR B 1 -11.95 4.16 -23.49
N VAL B 2 -11.76 5.39 -23.98
CA VAL B 2 -12.00 6.55 -23.13
C VAL B 2 -13.46 6.66 -22.77
N PHE B 3 -14.35 6.46 -23.75
CA PHE B 3 -15.79 6.55 -23.56
C PHE B 3 -16.38 5.15 -23.52
N LEU B 4 -17.25 4.90 -22.54
CA LEU B 4 -17.86 3.59 -22.33
C LEU B 4 -19.34 3.65 -22.65
N ASP B 5 -19.89 2.51 -23.06
CA ASP B 5 -21.25 2.46 -23.55
C ASP B 5 -22.25 2.69 -22.42
N HIS B 6 -23.44 3.16 -22.80
CA HIS B 6 -24.51 3.38 -21.83
C HIS B 6 -24.91 2.08 -21.16
N GLU B 7 -25.04 1.00 -21.94
CA GLU B 7 -25.44 -0.28 -21.37
C GLU B 7 -24.38 -0.83 -20.43
N ASN B 8 -23.11 -0.76 -20.81
CA ASN B 8 -22.04 -1.35 -20.00
C ASN B 8 -21.71 -0.52 -18.77
N ALA B 9 -22.02 0.77 -18.78
CA ALA B 9 -21.70 1.60 -17.61
C ALA B 9 -22.51 1.20 -16.40
N ASN B 10 -23.79 0.89 -16.58
CA ASN B 10 -24.71 0.63 -15.46
C ASN B 10 -24.82 -0.86 -15.19
N LYS B 11 -23.69 -1.45 -14.77
CA LYS B 11 -23.61 -2.85 -14.38
C LYS B 11 -23.05 -2.92 -12.97
N ILE B 12 -23.93 -2.85 -11.98
CA ILE B 12 -23.50 -2.94 -10.59
C ILE B 12 -23.03 -4.35 -10.28
N LEU B 13 -23.76 -5.36 -10.78
CA LEU B 13 -23.49 -6.76 -10.45
C LEU B 13 -22.47 -7.35 -11.44
N ASN B 14 -21.29 -6.74 -11.46
CA ASN B 14 -20.16 -7.21 -12.23
C ASN B 14 -19.02 -7.50 -11.27
N ARG B 15 -18.51 -8.73 -11.32
CA ARG B 15 -17.53 -9.24 -10.35
C ARG B 15 -16.28 -8.36 -10.32
N PRO B 16 -16.04 -7.54 -9.26
CA PRO B 16 -14.78 -6.79 -9.22
C PRO B 16 -13.57 -7.67 -8.97
N LYS B 17 -13.65 -8.48 -7.91
CA LYS B 17 -12.50 -9.30 -7.51
C LYS B 17 -12.24 -10.40 -8.52
N ARG B 18 -13.28 -11.08 -8.98
CA ARG B 18 -13.10 -12.13 -9.97
C ARG B 18 -12.54 -11.57 -11.27
N TYR B 19 -13.07 -10.44 -11.73
CA TYR B 19 -12.57 -9.83 -12.96
C TYR B 19 -11.11 -9.41 -12.81
N ASN B 20 -10.77 -8.79 -11.68
CA ASN B 20 -9.39 -8.37 -11.45
C ASN B 20 -8.44 -9.58 -11.40
N SER B 21 -8.85 -10.65 -10.72
CA SER B 21 -8.02 -11.84 -10.63
C SER B 21 -7.83 -12.48 -12.00
N GLY B 22 -8.90 -12.56 -12.79
CA GLY B 22 -8.79 -13.12 -14.12
C GLY B 22 -7.88 -12.29 -15.01
N LYS B 23 -8.01 -10.96 -14.95
CA LYS B 23 -7.15 -10.09 -15.74
C LYS B 23 -5.69 -10.25 -15.32
N LEU B 24 -5.43 -10.32 -14.01
CA LEU B 24 -4.05 -10.49 -13.55
C LEU B 24 -3.47 -11.82 -13.99
N GLU B 25 -4.23 -12.91 -13.81
CA GLU B 25 -3.74 -14.23 -14.19
C GLU B 25 -3.49 -14.32 -15.69
N GLU B 26 -4.42 -13.80 -16.50
CA GLU B 26 -4.24 -13.83 -17.95
C GLU B 26 -3.05 -12.96 -18.37
N PHE B 27 -2.86 -11.83 -17.71
CA PHE B 27 -1.76 -10.93 -18.07
C PHE B 27 -0.41 -11.60 -17.78
N VAL B 28 0.56 -11.34 -18.66
CA VAL B 28 1.90 -11.89 -18.47
C VAL B 28 2.56 -11.31 -17.24
N GLN B 29 2.30 -10.04 -16.93
CA GLN B 29 2.89 -9.41 -15.75
C GLN B 29 2.43 -10.10 -14.46
N GLY B 30 1.24 -10.69 -14.46
CA GLY B 30 0.73 -11.40 -13.31
C GLY B 30 1.05 -12.88 -13.35
N ASN B 31 0.02 -13.71 -13.48
CA ASN B 31 0.20 -15.16 -13.48
C ASN B 31 0.63 -15.64 -12.10
N LEU B 32 1.90 -15.43 -11.75
CA LEU B 32 2.34 -15.71 -10.39
C LEU B 32 1.62 -14.82 -9.39
N GLU B 33 1.47 -13.53 -9.70
CA GLU B 33 0.70 -12.65 -8.85
C GLU B 33 -0.78 -13.04 -8.85
N ARG B 34 -1.31 -13.40 -10.03
CA ARG B 34 -2.70 -13.86 -10.09
C ARG B 34 -2.89 -15.13 -9.26
N GLU B 35 -1.93 -16.06 -9.36
CA GLU B 35 -2.03 -17.29 -8.58
C GLU B 35 -1.96 -17.00 -7.09
N CYS B 36 -1.08 -16.08 -6.67
CA CYS B 36 -1.00 -15.71 -5.27
C CYS B 36 -2.29 -15.06 -4.79
N MET B 37 -2.88 -14.20 -5.63
CA MET B 37 -4.15 -13.57 -5.26
C MET B 37 -5.26 -14.59 -5.13
N GLU B 38 -5.32 -15.57 -6.05
CA GLU B 38 -6.33 -16.62 -5.96
C GLU B 38 -6.14 -17.46 -4.70
N GLU B 39 -4.90 -17.85 -4.41
CA GLU B 39 -4.62 -18.58 -3.18
C GLU B 39 -4.82 -17.70 -1.96
N LYS B 40 -4.45 -16.43 -2.06
CA LYS B 40 -4.58 -15.48 -0.97
C LYS B 40 -5.95 -14.81 -1.03
N CYS B 41 -6.13 -13.75 -0.24
CA CYS B 41 -7.39 -13.01 -0.25
C CYS B 41 -7.54 -12.24 -1.56
N SER B 42 -8.70 -11.61 -1.73
CA SER B 42 -8.98 -10.87 -2.94
C SER B 42 -8.05 -9.67 -3.07
N PHE B 43 -7.72 -9.32 -4.32
CA PHE B 43 -6.87 -8.16 -4.56
C PHE B 43 -7.52 -6.87 -4.07
N GLU B 44 -8.85 -6.83 -4.01
CA GLU B 44 -9.53 -5.66 -3.46
C GLU B 44 -9.14 -5.43 -2.01
N GLU B 45 -9.02 -6.51 -1.23
CA GLU B 45 -8.56 -6.37 0.15
C GLU B 45 -7.14 -5.83 0.21
N ALA B 46 -6.27 -6.29 -0.68
CA ALA B 46 -4.90 -5.80 -0.70
C ALA B 46 -4.87 -4.31 -1.03
N ARG B 47 -5.68 -3.87 -2.00
CA ARG B 47 -5.77 -2.45 -2.29
C ARG B 47 -6.32 -1.66 -1.11
N GLU B 48 -7.32 -2.23 -0.43
CA GLU B 48 -7.90 -1.56 0.74
C GLU B 48 -6.89 -1.46 1.89
N VAL B 49 -5.90 -2.36 1.92
CA VAL B 49 -4.87 -2.30 2.95
C VAL B 49 -4.13 -0.97 2.90
N PHE B 50 -3.75 -0.53 1.69
CA PHE B 50 -3.13 0.75 1.41
C PHE B 50 -1.67 0.85 1.82
N GLU B 51 -1.10 -0.18 2.45
CA GLU B 51 0.30 -0.17 2.84
C GLU B 51 1.18 -1.03 1.94
N ASN B 52 0.62 -1.65 0.91
CA ASN B 52 1.41 -2.49 0.03
C ASN B 52 2.45 -1.65 -0.70
N THR B 53 3.64 -2.24 -0.90
CA THR B 53 4.74 -1.56 -1.56
C THR B 53 4.57 -1.71 -3.07
N GLU B 54 3.74 -0.85 -3.64
CA GLU B 54 3.48 -0.80 -5.08
C GLU B 54 2.95 -2.14 -5.60
N ARG B 55 1.86 -2.60 -4.99
CA ARG B 55 1.25 -3.86 -5.40
C ARG B 55 0.78 -3.80 -6.85
N THR B 56 0.15 -2.69 -7.24
CA THR B 56 -0.28 -2.54 -8.63
C THR B 56 0.92 -2.51 -9.57
N THR B 57 1.97 -1.79 -9.21
CA THR B 57 3.17 -1.75 -10.05
C THR B 57 3.82 -3.13 -10.16
N GLU B 58 3.90 -3.84 -9.03
CA GLU B 58 4.47 -5.19 -9.06
C GLU B 58 3.65 -6.12 -9.94
N PHE B 59 2.32 -6.05 -9.83
CA PHE B 59 1.46 -6.88 -10.68
C PHE B 59 1.63 -6.54 -12.14
N TRP B 60 1.75 -5.25 -12.46
CA TRP B 60 1.94 -4.84 -13.85
C TRP B 60 3.25 -5.37 -14.40
N LYS B 61 4.33 -5.30 -13.63
CA LYS B 61 5.63 -5.79 -14.07
C LYS B 61 5.71 -7.30 -13.98
C1 NAG C . -42.41 3.99 -10.03
C2 NAG C . -42.86 5.14 -10.94
C3 NAG C . -41.92 6.33 -10.76
C4 NAG C . -41.89 6.73 -9.30
C5 NAG C . -41.47 5.52 -8.46
C6 NAG C . -41.45 5.81 -6.98
C7 NAG C . -43.81 5.18 -13.21
C8 NAG C . -43.67 4.62 -14.60
N2 NAG C . -42.90 4.73 -12.32
O3 NAG C . -42.39 7.37 -11.58
O4 NAG C . -40.98 7.81 -9.17
O5 NAG C . -42.35 4.44 -8.70
O6 NAG C . -40.91 7.09 -6.75
O7 NAG C . -44.71 5.96 -12.92
C1 NAG C . -40.41 9.10 -8.91
C2 NAG C . -39.31 10.14 -8.70
C3 NAG C . -39.84 11.54 -9.04
C4 NAG C . -40.43 11.52 -10.44
C5 NAG C . -41.50 10.43 -10.53
C6 NAG C . -42.15 10.34 -11.90
C7 NAG C . -37.50 10.26 -7.01
C8 NAG C . -37.23 10.20 -5.53
N2 NAG C . -38.80 10.13 -7.36
O3 NAG C . -38.79 12.45 -8.91
O4 NAG C . -40.96 12.80 -10.68
O5 NAG C . -40.92 9.18 -10.22
O6 NAG C . -41.22 9.85 -12.83
O7 NAG C . -36.60 10.39 -7.82
C1 NAG D . -32.11 -18.81 -8.16
C2 NAG D . -31.88 -20.31 -8.29
C3 NAG D . -30.94 -20.81 -7.19
C4 NAG D . -31.39 -20.34 -5.81
C5 NAG D . -31.74 -18.86 -5.79
C6 NAG D . -30.53 -17.97 -5.90
C7 NAG D . -33.82 -21.34 -9.36
C8 NAG D . -35.10 -22.10 -9.14
N2 NAG D . -33.13 -21.03 -8.25
O3 NAG D . -29.61 -20.34 -7.44
O4 NAG D . -32.53 -21.10 -5.40
O5 NAG D . -32.62 -18.51 -6.87
O6 NAG D . -30.88 -16.66 -6.36
O7 NAG D . -33.43 -21.03 -10.48
C1 NAG D . -32.20 -22.02 -4.35
C2 NAG D . -32.44 -21.72 -2.86
C3 NAG D . -32.17 -22.97 -2.03
C4 NAG D . -33.00 -24.14 -2.55
C5 NAG D . -32.75 -24.33 -4.04
C6 NAG D . -33.62 -25.40 -4.66
C7 NAG D . -32.08 -19.54 -1.78
C8 NAG D . -33.57 -19.53 -1.57
N2 NAG D . -31.60 -20.62 -2.42
O3 NAG D . -32.51 -22.71 -0.67
O4 NAG D . -32.66 -25.33 -1.85
O5 NAG D . -33.02 -23.11 -4.75
O6 NAG D . -33.74 -26.53 -3.81
O7 NAG D . -31.36 -18.63 -1.42
C1 NAG E . -20.99 -14.59 -16.02
C2 NAG E . -19.91 -13.52 -15.93
C3 NAG E . -19.05 -13.58 -17.19
C4 NAG E . -18.50 -14.99 -17.38
C5 NAG E . -19.64 -15.99 -17.36
C6 NAG E . -19.19 -17.43 -17.48
C7 NAG E . -21.38 -11.64 -16.56
C8 NAG E . -21.79 -10.25 -16.15
N2 NAG E . -20.47 -12.21 -15.76
O3 NAG E . -18.02 -12.64 -17.06
O4 NAG E . -17.81 -15.00 -18.61
O5 NAG E . -20.38 -15.85 -16.16
O6 NAG E . -18.49 -17.61 -18.68
O7 NAG E . -21.86 -12.18 -17.54
C1 NAG E . -16.94 -15.13 -19.75
C2 NAG E . -16.77 -15.42 -21.24
C3 NAG E . -15.51 -14.72 -21.75
C4 NAG E . -15.57 -13.25 -21.40
C5 NAG E . -15.75 -13.10 -19.89
C6 NAG E . -15.80 -11.66 -19.42
C7 NAG E . -17.20 -17.58 -22.50
C8 NAG E . -17.98 -16.89 -23.60
N2 NAG E . -16.69 -16.84 -21.47
O3 NAG E . -15.42 -14.94 -23.14
O4 NAG E . -14.35 -12.68 -21.84
O5 NAG E . -16.94 -13.74 -19.51
O6 NAG E . -15.35 -11.56 -18.09
O7 NAG E . -17.04 -18.79 -22.54
C11 A1AVC F . 1.66 -3.09 11.69
C12 A1AVC F . 0.16 -3.48 11.52
C13 A1AVC F . -0.19 -4.60 12.57
C14 A1AVC F . -0.69 -5.83 12.26
C15 A1AVC F . -0.98 -6.29 10.82
C16 A1AVC F . -0.98 -6.82 13.43
C01 A1AVC F . 2.37 -4.16 9.43
C02 A1AVC F . 2.67 -3.38 10.75
C03 A1AVC F . 3.99 -2.97 11.00
C04 A1AVC F . 4.32 -2.25 12.21
C05 A1AVC F . 5.68 -1.83 12.45
C06 A1AVC F . 6.00 -1.14 13.62
C07 A1AVC F . 5.00 -0.84 14.56
C08 A1AVC F . 3.68 -1.25 14.32
C09 A1AVC F . 3.35 -1.97 13.12
C10 A1AVC F . 2.00 -2.37 12.87
C17 A1AVC F . 0.35 -7.54 13.89
C18 A1AVC F . 0.35 -9.07 13.52
C19 A1AVC F . 1.50 -9.84 14.17
C20 A1AVC F . 1.67 -11.20 13.47
C21 A1AVC F . 1.21 -10.04 15.68
C22 A1AVC F . 2.00 -11.21 16.35
C23 A1AVC F . 2.00 -11.17 17.89
C24 A1AVC F . 3.16 -11.99 18.52
C25 A1AVC F . 3.25 -13.36 17.85
C26 A1AVC F . 2.99 -12.14 20.03
C27 A1AVC F . 1.79 -13.01 20.55
C28 A1AVC F . 1.86 -13.25 22.08
C29 A1AVC F . 1.57 -14.69 22.52
C30 A1AVC F . 0.22 -15.21 21.97
C31 A1AVC F . 2.70 -15.62 22.17
O32 A1AVC F . 1.02 -2.08 13.82
O33 A1AVC F . 5.02 -3.24 10.09
C22 6PL G . 9.77 6.31 32.98
C21 6PL G . 8.46 6.56 32.24
C20 6PL G . 8.46 6.01 30.81
C19 6PL G . 9.47 6.69 29.90
C18 6PL G . 9.36 6.25 28.45
C17 6PL G . 10.37 6.95 27.54
C16 6PL G . 10.02 6.86 26.06
C15 6PL G . 11.16 7.25 25.14
C14 6PL G . 11.47 8.74 25.14
C13 6PL G . 12.95 9.06 24.93
C12 6PL G . 13.77 8.83 26.18
C11 6PL G . 15.25 9.01 25.98
O11 6PL G . 15.78 9.33 24.95
O3 6PL G . 15.93 8.78 27.11
C3 6PL G . 16.09 9.86 28.01
C2 6PL G . 17.50 10.40 27.91
C1 6PL G . 18.49 9.83 28.92
O3P 6PL G . 18.74 8.46 28.67
P 6PL G . 20.27 7.95 28.48
O1P 6PL G . 20.63 7.86 27.02
O2P 6PL G . 21.18 8.67 29.42
O4P 6PL G . 19.96 6.43 29.04
C4 6PL G . 19.75 6.25 30.42
C5 6PL G . 18.63 5.29 30.75
N 6PL G . 18.78 3.83 30.40
C7 6PL G . 20.00 3.21 30.98
C8 6PL G . 17.60 3.13 31.00
C6 6PL G . 18.76 3.59 28.93
O2 6PL G . 17.46 11.83 27.90
C31 6PL G . 17.01 12.55 28.93
O31 6PL G . 17.07 12.21 30.08
C32 6PL G . 16.43 13.85 28.44
C33 6PL G . 15.19 14.28 29.21
C34 6PL G . 14.42 15.38 28.48
C35 6PL G . 13.09 15.71 29.17
C36 6PL G . 12.15 16.54 28.30
C37 6PL G . 10.77 16.71 28.94
C38 6PL G . 10.73 17.74 30.06
C39 6PL G . 10.72 19.18 29.54
C40 6PL G . 10.53 20.23 30.64
C41 6PL G . 10.44 21.64 30.08
C42 6PL G . 10.37 22.73 31.15
C43 6PL G . 11.70 22.98 31.85
C44 6PL G . 11.66 24.11 32.87
C45 6PL G . 11.60 25.49 32.24
C46 6PL G . 11.64 26.62 33.25
C26 6PL H . 25.45 -18.11 -11.46
C25 6PL H . 24.40 -17.03 -11.71
C24 6PL H . 24.12 -16.17 -10.47
C23 6PL H . 25.29 -15.28 -10.07
C22 6PL H . 24.95 -14.32 -8.95
C21 6PL H . 26.03 -13.28 -8.69
C20 6PL H . 25.73 -12.37 -7.51
C19 6PL H . 24.62 -11.37 -7.77
C18 6PL H . 24.30 -10.50 -6.56
C17 6PL H . 22.94 -9.80 -6.67
C16 6PL H . 22.50 -9.13 -5.37
C15 6PL H . 21.02 -8.78 -5.37
C14 6PL H . 20.51 -8.29 -4.02
C13 6PL H . 18.99 -8.24 -3.95
C12 6PL H . 18.50 -7.76 -2.60
C11 6PL H . 17.01 -7.73 -2.48
O11 6PL H . 16.24 -8.19 -3.29
O3 6PL H . 16.62 -7.13 -1.36
C3 6PL H . 15.24 -6.87 -1.16
C2 6PL H . 14.53 -8.14 -0.73
C1 6PL H . 13.09 -7.94 -0.29
O3P 6PL H . 12.24 -8.84 -0.99
P 6PL H . 10.72 -8.42 -1.38
O1P 6PL H . 10.43 -6.98 -1.06
O2P 6PL H . 10.34 -8.97 -2.72
O4P 6PL H . 10.09 -9.36 -0.17
C4 6PL H . 10.47 -10.71 -0.10
C5 6PL H . 9.44 -11.57 0.59
N 6PL H . 7.97 -11.34 0.28
C7 6PL H . 7.75 -11.03 -1.16
C8 6PL H . 7.25 -12.61 0.62
C6 6PL H . 7.38 -10.25 1.12
O2 6PL H . 15.33 -8.78 0.27
C31 6PL H . 15.72 -8.13 1.37
O31 6PL H . 15.01 -7.38 2.00
C32 6PL H . 17.15 -8.46 1.72
C33 6PL H . 17.67 -7.70 2.93
C34 6PL H . 19.11 -8.06 3.26
C35 6PL H . 19.53 -7.66 4.66
C36 6PL H . 19.81 -6.17 4.83
C37 6PL H . 20.27 -5.82 6.23
C38 6PL H . 19.13 -5.73 7.25
C39 6PL H . 19.60 -5.97 8.68
C40 6PL H . 18.53 -5.67 9.73
C41 6PL H . 18.83 -6.29 11.09
C42 6PL H . 20.13 -5.79 11.72
C43 6PL H . 20.29 -6.26 13.16
C44 6PL H . 21.61 -5.83 13.81
C45 6PL H . 22.82 -6.56 13.25
C46 6PL H . 24.11 -6.26 14.02
C1 NAG I . -14.55 14.14 -33.84
C2 NAG I . -13.47 15.03 -34.41
C3 NAG I . -12.09 14.45 -34.12
C4 NAG I . -12.14 12.93 -33.96
C5 NAG I . -13.14 12.51 -32.87
C6 NAG I . -12.49 12.23 -31.54
C7 NAG I . -14.15 16.35 -36.37
C8 NAG I . -14.27 16.38 -37.87
N2 NAG I . -13.64 15.23 -35.84
O3 NAG I . -11.55 15.05 -32.95
O4 NAG I . -12.50 12.32 -35.18
O5 NAG I . -14.10 13.56 -32.65
O6 NAG I . -11.07 12.22 -31.65
O7 NAG I . -14.50 17.30 -35.67
#